data_6MEL
#
_entry.id   6MEL
#
_cell.length_a   123.072
_cell.length_b   123.072
_cell.length_c   146.788
_cell.angle_alpha   90.000
_cell.angle_beta   90.000
_cell.angle_gamma   120.000
#
_symmetry.space_group_name_H-M   'P 31 2 1'
#
loop_
_entity.id
_entity.type
_entity.pdbx_description
1 polymer 'Succinate--CoA ligase subunit alpha'
2 polymer 'Succinate--CoA ligase [ADP-forming] subunit beta'
3 non-polymer 'CHLORIDE ION'
4 non-polymer 'CITRIC ACID'
5 water water
#
loop_
_entity_poly.entity_id
_entity_poly.type
_entity_poly.pdbx_seq_one_letter_code
_entity_poly.pdbx_strand_id
1 'polypeptide(L)'
;MSILVNKNTKVIVQGFTGKEATFHAEQCMAYGTNIVGGITPHKGGQTHLGKPVFDTVADAVKATKADVSLIFVPAFAVGD
SVIEAADAGIKLAVVITEHTPVKDMMFAKQYANKKGMKIIGPNCPGIITSEECKLGIMPGFIFKKGCVGLISKSGTLTYE
AANQVVQGGYGISTAVGIGGDPIIGLAYKELLSEFQKDDETKAIVMIGEIGGSLEVEAAKFIKENISKPVVAFIAGATAP
KGKRMGHAGAIVGSADESAAAKKEALKSYGIHVVDSPALIGEEIQKILGENLYFQ
;
A
2 'polypeptide(L)'
;MNIHEYQAKAIFVDNGIPTLKGKVAFSVDEAVANAKELGGSVWAVKAQIHAGGRGLGGGVKIAKNLDEVKDYASKILGMN
LVTHQTGPEGKLVQKLYIESGANIVKEYYLAILFNRMAEQITIIASSEGGMDIEKVAKESPEKIAKVGIDPQIGFKMFHG
LEVARVLGLDKDEGKKLISMIAKLYKLYMDKDMNMLEINPLIKTAEGDFYALDAKCSFDDSALYRHPEIAELRDTTEENP
AEREAAEFGLSYVKLDGDVACMVNGAGLAMATMDIINYSGAKPANFLDVGGGASPETVAKAFEIILRDKNVKVIFINIFG
GIVRCDRIANGILEATKNVEVNIPIVVRLDGTNAAEAKTILDNSNLKNIKAATNLKNGAELVKSLVG
;
B
#
loop_
_chem_comp.id
_chem_comp.type
_chem_comp.name
_chem_comp.formula
CIT non-polymer 'CITRIC ACID' 'C6 H8 O7'
CL non-polymer 'CHLORIDE ION' 'Cl -1'
#
# COMPACT_ATOMS: atom_id res chain seq x y z
N SER A 2 -6.58 28.58 -9.51
CA SER A 2 -5.49 27.68 -9.14
C SER A 2 -5.35 27.72 -7.61
N ILE A 3 -4.70 26.70 -7.06
CA ILE A 3 -4.43 26.65 -5.61
C ILE A 3 -2.96 26.30 -5.40
N LEU A 4 -2.42 26.77 -4.26
CA LEU A 4 -1.17 26.39 -3.61
C LEU A 4 0.08 26.86 -4.37
N VAL A 5 0.13 26.69 -5.68
CA VAL A 5 1.34 27.00 -6.41
C VAL A 5 0.92 27.71 -7.69
N ASN A 6 1.87 28.51 -8.19
CA ASN A 6 1.70 29.27 -9.44
C ASN A 6 3.08 29.60 -10.01
N LYS A 7 3.10 30.35 -11.12
CA LYS A 7 4.34 30.55 -11.90
C LYS A 7 5.43 31.25 -11.09
N ASN A 8 5.06 31.98 -10.02
CA ASN A 8 6.01 32.75 -9.21
C ASN A 8 6.48 31.94 -8.00
N THR A 9 5.78 30.87 -7.63
CA THR A 9 6.19 30.13 -6.41
C THR A 9 7.68 29.74 -6.54
N LYS A 10 8.50 30.09 -5.57
CA LYS A 10 9.88 29.67 -5.54
C LYS A 10 10.00 28.25 -4.96
N VAL A 11 10.74 27.40 -5.67
CA VAL A 11 10.83 25.99 -5.38
C VAL A 11 12.29 25.59 -5.29
N ILE A 12 12.66 24.83 -4.24
CA ILE A 12 13.90 24.12 -4.18
C ILE A 12 13.64 22.64 -4.37
N VAL A 13 14.65 21.93 -4.85
CA VAL A 13 14.55 20.49 -5.09
C VAL A 13 15.49 19.79 -4.13
N GLN A 14 14.95 18.88 -3.31
CA GLN A 14 15.78 18.01 -2.48
C GLN A 14 16.07 16.76 -3.33
N GLY A 15 17.34 16.39 -3.41
CA GLY A 15 17.80 15.31 -4.30
C GLY A 15 17.98 15.82 -5.74
N PHE A 16 18.47 17.06 -5.85
CA PHE A 16 18.49 17.81 -7.09
C PHE A 16 19.41 17.19 -8.14
N THR A 17 20.51 16.53 -7.76
CA THR A 17 21.50 16.11 -8.76
C THR A 17 21.31 14.65 -9.15
N GLY A 18 20.40 13.93 -8.50
CA GLY A 18 20.09 12.61 -8.96
C GLY A 18 19.58 12.63 -10.41
N LYS A 19 19.68 11.48 -11.08
CA LYS A 19 19.39 11.37 -12.49
C LYS A 19 17.92 11.70 -12.80
N GLU A 20 17.03 11.02 -12.11
CA GLU A 20 15.57 11.17 -12.29
C GLU A 20 15.15 12.59 -11.94
N ALA A 21 15.59 13.06 -10.79
CA ALA A 21 15.31 14.40 -10.31
C ALA A 21 15.75 15.43 -11.34
N THR A 22 16.93 15.21 -11.95
CA THR A 22 17.48 16.15 -12.95
C THR A 22 16.54 16.21 -14.18
N PHE A 23 16.17 15.04 -14.69
CA PHE A 23 15.26 14.91 -15.80
C PHE A 23 13.96 15.70 -15.50
N HIS A 24 13.31 15.43 -14.33
CA HIS A 24 12.04 16.03 -14.06
C HIS A 24 12.21 17.53 -13.76
N ALA A 25 13.22 17.91 -12.98
CA ALA A 25 13.48 19.35 -12.64
C ALA A 25 13.59 20.19 -13.93
N GLU A 26 14.23 19.63 -14.95
CA GLU A 26 14.41 20.32 -16.24
CA GLU A 26 14.40 20.38 -16.21
C GLU A 26 13.04 20.51 -16.91
N GLN A 27 12.26 19.41 -16.98
CA GLN A 27 10.90 19.51 -17.53
C GLN A 27 10.05 20.50 -16.71
N CYS A 28 10.17 20.52 -15.38
CA CYS A 28 9.39 21.47 -14.55
C CYS A 28 9.78 22.92 -14.88
N MET A 29 11.08 23.18 -15.00
CA MET A 29 11.56 24.50 -15.37
C MET A 29 11.05 24.92 -16.77
N ALA A 30 11.10 24.01 -17.74
CA ALA A 30 10.63 24.32 -19.10
C ALA A 30 9.14 24.61 -19.07
N TYR A 31 8.39 23.98 -18.16
CA TYR A 31 6.96 24.23 -18.10
C TYR A 31 6.64 25.59 -17.44
N GLY A 32 7.62 26.20 -16.75
CA GLY A 32 7.42 27.54 -16.15
C GLY A 32 7.70 27.61 -14.65
N THR A 33 8.03 26.46 -14.04
CA THR A 33 8.22 26.42 -12.58
C THR A 33 9.45 27.24 -12.20
N ASN A 34 9.32 28.10 -11.21
CA ASN A 34 10.43 28.92 -10.69
C ASN A 34 11.31 28.10 -9.74
N ILE A 35 12.07 27.15 -10.27
CA ILE A 35 13.01 26.45 -9.46
C ILE A 35 14.22 27.35 -9.21
N VAL A 36 14.55 27.61 -7.94
CA VAL A 36 15.60 28.59 -7.63
C VAL A 36 16.87 27.89 -7.16
N GLY A 37 16.85 26.57 -7.02
CA GLY A 37 17.98 25.89 -6.39
C GLY A 37 17.66 24.48 -5.94
N GLY A 38 18.64 23.80 -5.42
CA GLY A 38 18.41 22.46 -4.92
C GLY A 38 19.46 22.02 -3.94
N ILE A 39 19.23 20.84 -3.34
CA ILE A 39 20.03 20.31 -2.29
C ILE A 39 20.65 19.00 -2.79
N THR A 40 21.96 18.84 -2.58
CA THR A 40 22.61 17.56 -2.53
C THR A 40 23.78 17.64 -1.56
N PRO A 41 23.82 16.87 -0.46
CA PRO A 41 24.94 16.93 0.48
C PRO A 41 26.27 16.72 -0.28
N HIS A 42 27.25 17.58 0.03
CA HIS A 42 28.62 17.51 -0.43
C HIS A 42 28.76 18.10 -1.84
N LYS A 43 27.71 18.77 -2.33
CA LYS A 43 27.79 19.42 -3.61
C LYS A 43 27.43 20.89 -3.48
N GLY A 44 27.40 21.39 -2.25
CA GLY A 44 27.13 22.79 -2.00
C GLY A 44 28.16 23.65 -2.73
N GLY A 45 27.69 24.75 -3.34
CA GLY A 45 28.52 25.66 -4.10
C GLY A 45 28.54 25.32 -5.59
N GLN A 46 28.12 24.12 -5.97
CA GLN A 46 28.06 23.80 -7.38
C GLN A 46 26.87 24.51 -8.02
N THR A 47 26.80 24.36 -9.35
CA THR A 47 25.72 24.81 -10.18
C THR A 47 25.13 23.58 -10.90
N HIS A 48 23.79 23.56 -11.05
CA HIS A 48 23.06 22.41 -11.68
C HIS A 48 21.78 22.95 -12.32
N LEU A 49 21.64 22.68 -13.63
CA LEU A 49 20.56 23.23 -14.43
C LEU A 49 20.49 24.75 -14.28
N GLY A 50 21.65 25.39 -14.21
CA GLY A 50 21.80 26.85 -14.10
C GLY A 50 21.41 27.43 -12.75
N LYS A 51 21.30 26.60 -11.70
CA LYS A 51 20.87 27.09 -10.40
C LYS A 51 21.84 26.62 -9.33
N PRO A 52 21.87 27.30 -8.17
CA PRO A 52 22.76 26.91 -7.09
C PRO A 52 22.36 25.61 -6.38
N VAL A 53 23.36 24.83 -6.03
CA VAL A 53 23.23 23.61 -5.25
C VAL A 53 23.72 23.95 -3.85
N PHE A 54 23.05 23.39 -2.86
CA PHE A 54 23.37 23.56 -1.47
C PHE A 54 23.51 22.21 -0.79
N ASP A 55 24.24 22.19 0.33
CA ASP A 55 24.39 20.96 1.11
C ASP A 55 23.14 20.65 1.93
N THR A 56 22.41 21.69 2.35
CA THR A 56 21.36 21.62 3.33
C THR A 56 20.19 22.50 2.88
N VAL A 57 18.98 22.10 3.29
CA VAL A 57 17.83 22.94 3.01
C VAL A 57 17.99 24.29 3.70
N ALA A 58 18.56 24.31 4.92
CA ALA A 58 18.69 25.56 5.67
C ALA A 58 19.51 26.59 4.89
N ASP A 59 20.61 26.15 4.28
CA ASP A 59 21.47 27.04 3.42
C ASP A 59 20.69 27.54 2.20
N ALA A 60 19.90 26.64 1.58
CA ALA A 60 19.13 26.99 0.41
C ALA A 60 18.06 28.04 0.76
N VAL A 61 17.38 27.84 1.88
CA VAL A 61 16.28 28.74 2.29
C VAL A 61 16.86 30.15 2.62
N LYS A 62 18.01 30.20 3.30
CA LYS A 62 18.68 31.45 3.63
C LYS A 62 19.07 32.22 2.35
N ALA A 63 19.62 31.52 1.34
CA ALA A 63 20.06 32.17 0.12
C ALA A 63 18.88 32.53 -0.76
N THR A 64 17.84 31.68 -0.89
CA THR A 64 16.81 31.85 -1.95
C THR A 64 15.47 32.34 -1.40
N LYS A 65 15.24 32.19 -0.10
CA LYS A 65 13.93 32.48 0.52
C LYS A 65 12.78 31.63 -0.06
N ALA A 66 13.09 30.51 -0.72
CA ALA A 66 12.06 29.50 -1.14
C ALA A 66 11.29 28.98 0.08
N ASP A 67 9.99 28.74 -0.06
CA ASP A 67 9.26 28.09 1.03
C ASP A 67 8.47 26.89 0.52
N VAL A 68 8.79 26.44 -0.69
CA VAL A 68 8.23 25.24 -1.25
C VAL A 68 9.37 24.33 -1.68
N SER A 69 9.30 23.04 -1.32
CA SER A 69 10.29 22.09 -1.70
C SER A 69 9.67 20.91 -2.46
N LEU A 70 10.42 20.41 -3.43
CA LEU A 70 10.04 19.25 -4.25
C LEU A 70 11.09 18.16 -3.98
N ILE A 71 10.63 17.03 -3.45
CA ILE A 71 11.52 16.02 -2.86
C ILE A 71 11.54 14.74 -3.69
N PHE A 72 12.74 14.39 -4.19
CA PHE A 72 12.98 13.23 -5.05
C PHE A 72 13.93 12.20 -4.40
N VAL A 73 14.27 12.39 -3.11
CA VAL A 73 15.28 11.56 -2.49
C VAL A 73 14.77 10.13 -2.36
N PRO A 74 15.69 9.14 -2.27
CA PRO A 74 15.29 7.76 -2.15
C PRO A 74 14.49 7.51 -0.85
N ALA A 75 13.78 6.39 -0.84
CA ALA A 75 12.84 6.02 0.18
C ALA A 75 13.48 6.04 1.57
N PHE A 76 14.75 5.63 1.68
CA PHE A 76 15.41 5.56 2.94
C PHE A 76 15.71 6.95 3.50
N ALA A 77 15.60 8.00 2.67
CA ALA A 77 15.99 9.36 3.05
C ALA A 77 14.76 10.26 3.22
N VAL A 78 13.58 9.76 2.86
CA VAL A 78 12.37 10.63 2.72
C VAL A 78 12.02 11.26 4.08
N GLY A 79 11.97 10.44 5.13
CA GLY A 79 11.55 10.90 6.42
C GLY A 79 12.44 12.01 6.90
N ASP A 80 13.75 11.77 6.87
CA ASP A 80 14.73 12.77 7.30
C ASP A 80 14.68 14.01 6.41
N SER A 81 14.39 13.86 5.11
CA SER A 81 14.32 15.02 4.19
C SER A 81 13.07 15.86 4.46
N VAL A 82 11.96 15.19 4.87
CA VAL A 82 10.76 15.93 5.23
C VAL A 82 11.01 16.70 6.54
N ILE A 83 11.64 16.04 7.52
CA ILE A 83 12.00 16.66 8.79
C ILE A 83 12.94 17.85 8.54
N GLU A 84 13.95 17.69 7.70
CA GLU A 84 14.88 18.76 7.36
C GLU A 84 14.16 19.99 6.79
N ALA A 85 13.25 19.75 5.85
CA ALA A 85 12.45 20.81 5.25
C ALA A 85 11.64 21.54 6.32
N ALA A 86 10.99 20.79 7.20
CA ALA A 86 10.17 21.38 8.24
C ALA A 86 11.05 22.18 9.20
N ASP A 87 12.21 21.63 9.54
CA ASP A 87 13.14 22.33 10.43
C ASP A 87 13.60 23.67 9.84
N ALA A 88 13.76 23.74 8.53
CA ALA A 88 14.30 24.96 7.88
C ALA A 88 13.23 26.04 7.62
N GLY A 89 11.95 25.73 7.82
CA GLY A 89 10.87 26.73 7.56
C GLY A 89 10.15 26.55 6.22
N ILE A 90 10.37 25.43 5.51
CA ILE A 90 9.54 25.13 4.34
C ILE A 90 8.05 25.04 4.75
N LYS A 91 7.15 25.59 3.91
CA LYS A 91 5.72 25.62 4.20
C LYS A 91 4.94 24.54 3.44
N LEU A 92 5.48 24.03 2.36
CA LEU A 92 4.86 23.02 1.52
C LEU A 92 5.98 22.14 0.94
N ALA A 93 5.93 20.84 1.23
CA ALA A 93 6.86 19.86 0.70
C ALA A 93 6.07 18.85 -0.14
N VAL A 94 6.48 18.73 -1.40
CA VAL A 94 5.88 17.83 -2.33
C VAL A 94 6.81 16.61 -2.44
N VAL A 95 6.31 15.43 -2.05
CA VAL A 95 7.19 14.27 -1.91
C VAL A 95 6.77 13.20 -2.93
N ILE A 96 7.63 12.95 -3.91
CA ILE A 96 7.30 12.06 -5.02
C ILE A 96 7.51 10.60 -4.66
N THR A 97 8.61 10.30 -3.95
CA THR A 97 9.18 8.97 -3.82
C THR A 97 8.18 7.97 -3.19
N GLU A 98 8.19 6.76 -3.75
CA GLU A 98 7.43 5.61 -3.28
C GLU A 98 8.32 4.76 -2.35
N HIS A 99 7.69 3.91 -1.54
CA HIS A 99 8.29 2.87 -0.67
C HIS A 99 8.91 3.47 0.58
N THR A 100 8.46 4.66 1.01
CA THR A 100 8.92 5.22 2.29
C THR A 100 8.39 4.35 3.43
N PRO A 101 9.21 3.88 4.39
CA PRO A 101 8.68 3.17 5.55
C PRO A 101 7.56 3.97 6.24
N VAL A 102 6.45 3.33 6.58
CA VAL A 102 5.30 4.03 7.15
C VAL A 102 5.71 4.77 8.44
N LYS A 103 6.48 4.11 9.28
CA LYS A 103 6.85 4.69 10.54
C LYS A 103 7.61 6.01 10.30
N ASP A 104 8.45 6.07 9.26
CA ASP A 104 9.25 7.29 9.00
C ASP A 104 8.30 8.43 8.64
N MET A 105 7.28 8.11 7.86
CA MET A 105 6.33 9.09 7.47
C MET A 105 5.47 9.53 8.67
N MET A 106 5.15 8.58 9.55
CA MET A 106 4.38 8.89 10.73
C MET A 106 5.09 9.98 11.56
N PHE A 107 6.36 9.74 11.88
CA PHE A 107 7.15 10.68 12.69
C PHE A 107 7.42 11.99 11.92
N ALA A 108 7.69 11.90 10.62
CA ALA A 108 8.00 13.12 9.86
C ALA A 108 6.77 14.02 9.75
N LYS A 109 5.59 13.44 9.57
CA LYS A 109 4.38 14.22 9.53
C LYS A 109 4.09 14.91 10.87
N GLN A 110 4.29 14.22 12.00
CA GLN A 110 4.04 14.84 13.30
C GLN A 110 4.95 16.08 13.42
N TYR A 111 6.20 15.96 12.95
CA TYR A 111 7.11 17.11 13.05
C TYR A 111 6.68 18.23 12.10
N ALA A 112 6.33 17.88 10.87
CA ALA A 112 5.83 18.84 9.90
C ALA A 112 4.60 19.57 10.46
N ASN A 113 3.67 18.81 11.06
CA ASN A 113 2.47 19.43 11.66
C ASN A 113 2.88 20.45 12.70
N LYS A 114 3.82 20.11 13.59
CA LYS A 114 4.18 21.01 14.64
C LYS A 114 4.83 22.26 14.05
N LYS A 115 5.65 22.12 13.01
CA LYS A 115 6.32 23.30 12.44
C LYS A 115 5.41 24.11 11.49
N GLY A 116 4.21 23.63 11.19
CA GLY A 116 3.29 24.31 10.22
C GLY A 116 3.65 24.03 8.76
N MET A 117 4.35 22.93 8.44
CA MET A 117 4.64 22.57 7.06
C MET A 117 3.57 21.61 6.56
N LYS A 118 2.99 21.90 5.39
CA LYS A 118 2.08 20.95 4.76
C LYS A 118 2.87 20.04 3.85
N ILE A 119 2.35 18.84 3.64
CA ILE A 119 2.96 17.85 2.77
C ILE A 119 1.96 17.46 1.68
N ILE A 120 2.48 17.22 0.48
CA ILE A 120 1.77 16.55 -0.60
C ILE A 120 2.56 15.29 -0.92
N GLY A 121 1.91 14.16 -0.70
CA GLY A 121 2.53 12.85 -0.88
C GLY A 121 2.67 12.15 0.47
N PRO A 122 3.56 11.16 0.62
CA PRO A 122 4.49 10.73 -0.40
C PRO A 122 3.84 9.78 -1.42
N ASN A 123 4.66 9.22 -2.32
CA ASN A 123 4.20 8.24 -3.32
C ASN A 123 3.12 8.90 -4.20
N CYS A 124 3.49 10.01 -4.82
CA CYS A 124 2.55 10.79 -5.59
C CYS A 124 3.29 11.42 -6.76
N PRO A 125 2.54 11.88 -7.78
CA PRO A 125 3.19 12.54 -8.92
C PRO A 125 3.40 14.05 -8.73
N GLY A 126 2.87 14.62 -7.64
CA GLY A 126 3.07 16.03 -7.33
C GLY A 126 1.86 16.90 -7.61
N ILE A 127 2.13 18.16 -7.93
CA ILE A 127 1.07 19.16 -8.09
C ILE A 127 1.34 19.94 -9.38
N ILE A 128 0.27 20.31 -10.09
CA ILE A 128 0.43 21.06 -11.32
C ILE A 128 -0.67 22.10 -11.38
N THR A 129 -0.26 23.33 -11.72
CA THR A 129 -1.18 24.39 -12.10
C THR A 129 -1.02 24.61 -13.60
N SER A 130 -2.06 24.23 -14.36
CA SER A 130 -2.07 24.10 -15.81
C SER A 130 -1.45 25.35 -16.46
N GLU A 131 -0.46 25.12 -17.31
CA GLU A 131 0.19 26.15 -18.13
C GLU A 131 0.85 27.20 -17.24
N GLU A 132 1.13 26.90 -15.96
CA GLU A 132 1.84 27.87 -15.13
C GLU A 132 3.08 27.23 -14.48
N CYS A 133 2.88 26.07 -13.82
CA CYS A 133 3.98 25.43 -13.13
C CYS A 133 3.61 23.98 -12.81
N LYS A 134 4.64 23.18 -12.64
CA LYS A 134 4.46 21.80 -12.23
C LYS A 134 5.60 21.40 -11.30
N LEU A 135 5.25 20.68 -10.23
CA LEU A 135 6.23 20.21 -9.23
C LEU A 135 6.03 18.70 -9.11
N GLY A 136 6.83 17.96 -9.86
CA GLY A 136 6.66 16.53 -9.92
C GLY A 136 6.87 15.99 -11.31
N ILE A 137 6.21 14.86 -11.58
CA ILE A 137 6.55 13.97 -12.67
C ILE A 137 5.38 13.89 -13.66
N MET A 138 4.37 14.76 -13.52
CA MET A 138 3.22 14.66 -14.43
C MET A 138 3.57 15.24 -15.81
N PRO A 139 2.94 14.70 -16.89
CA PRO A 139 3.08 15.24 -18.24
C PRO A 139 2.34 16.58 -18.40
N GLY A 140 3.12 17.66 -18.48
CA GLY A 140 2.59 19.02 -18.46
C GLY A 140 1.53 19.27 -19.52
N PHE A 141 1.73 18.72 -20.71
CA PHE A 141 0.93 19.13 -21.88
C PHE A 141 -0.50 18.55 -21.77
N ILE A 142 -0.73 17.52 -20.96
CA ILE A 142 -2.07 16.97 -20.78
C ILE A 142 -2.96 18.00 -20.09
N PHE A 143 -2.35 18.84 -19.23
CA PHE A 143 -3.07 19.78 -18.37
C PHE A 143 -3.26 21.11 -19.10
N LYS A 144 -4.41 21.25 -19.77
CA LYS A 144 -4.83 22.51 -20.37
C LYS A 144 -5.65 23.29 -19.37
N LYS A 145 -5.46 24.59 -19.35
CA LYS A 145 -6.06 25.44 -18.32
C LYS A 145 -7.59 25.39 -18.41
N GLY A 146 -8.26 25.31 -17.25
CA GLY A 146 -9.70 25.38 -17.19
C GLY A 146 -10.18 25.51 -15.76
N CYS A 147 -11.46 25.17 -15.55
CA CYS A 147 -12.15 25.49 -14.31
C CYS A 147 -12.34 24.22 -13.44
N VAL A 148 -11.72 23.06 -13.80
CA VAL A 148 -11.91 21.82 -13.01
C VAL A 148 -10.67 21.53 -12.14
N GLY A 149 -10.90 21.46 -10.82
CA GLY A 149 -9.88 21.03 -9.86
C GLY A 149 -9.83 19.50 -9.82
N LEU A 150 -8.68 18.96 -9.45
CA LEU A 150 -8.45 17.49 -9.43
C LEU A 150 -7.69 17.12 -8.14
N ILE A 151 -8.18 16.15 -7.38
CA ILE A 151 -7.50 15.61 -6.23
C ILE A 151 -7.44 14.11 -6.40
N SER A 152 -6.25 13.50 -6.37
CA SER A 152 -6.12 12.08 -6.72
C SER A 152 -5.05 11.35 -5.89
N LYS A 153 -5.39 10.14 -5.46
CA LYS A 153 -4.47 9.27 -4.78
C LYS A 153 -3.59 8.49 -5.80
N SER A 154 -3.80 8.74 -7.10
CA SER A 154 -2.99 8.00 -8.10
C SER A 154 -2.23 8.94 -9.05
N GLY A 155 -1.41 8.29 -9.91
CA GLY A 155 -0.60 8.96 -10.93
C GLY A 155 -1.28 8.96 -12.30
N THR A 156 -1.08 7.88 -13.06
CA THR A 156 -1.58 7.81 -14.44
C THR A 156 -3.10 7.95 -14.52
N LEU A 157 -3.85 7.45 -13.54
CA LEU A 157 -5.31 7.59 -13.57
C LEU A 157 -5.72 9.08 -13.49
N THR A 158 -4.92 9.89 -12.82
CA THR A 158 -5.11 11.33 -12.78
C THR A 158 -5.00 11.95 -14.18
N TYR A 159 -4.04 11.45 -14.97
CA TYR A 159 -3.78 11.98 -16.31
C TYR A 159 -4.94 11.56 -17.21
N GLU A 160 -5.38 10.31 -17.05
CA GLU A 160 -6.54 9.79 -17.78
C GLU A 160 -7.75 10.69 -17.50
N ALA A 161 -7.99 11.03 -16.22
CA ALA A 161 -9.16 11.88 -15.86
C ALA A 161 -8.98 13.29 -16.46
N ALA A 162 -7.78 13.84 -16.31
CA ALA A 162 -7.51 15.19 -16.81
C ALA A 162 -7.77 15.21 -18.31
N ASN A 163 -7.30 14.18 -19.00
CA ASN A 163 -7.42 14.11 -20.45
C ASN A 163 -8.90 14.04 -20.85
N GLN A 164 -9.70 13.23 -20.11
CA GLN A 164 -11.13 13.15 -20.40
C GLN A 164 -11.78 14.55 -20.24
N VAL A 165 -11.33 15.30 -19.25
CA VAL A 165 -11.96 16.58 -19.00
C VAL A 165 -11.58 17.55 -20.14
N VAL A 166 -10.33 17.51 -20.59
CA VAL A 166 -9.86 18.40 -21.65
C VAL A 166 -10.59 18.02 -22.97
N GLN A 167 -10.64 16.73 -23.30
CA GLN A 167 -11.34 16.25 -24.50
C GLN A 167 -12.83 16.63 -24.44
N GLY A 168 -13.41 16.74 -23.25
CA GLY A 168 -14.83 17.02 -23.11
C GLY A 168 -15.14 18.52 -23.16
N GLY A 169 -14.15 19.33 -23.57
CA GLY A 169 -14.25 20.78 -23.77
C GLY A 169 -13.86 21.64 -22.57
N TYR A 170 -13.34 21.08 -21.48
CA TYR A 170 -13.01 21.87 -20.30
C TYR A 170 -11.50 21.84 -20.04
N GLY A 171 -11.08 22.09 -18.80
CA GLY A 171 -9.66 22.02 -18.44
C GLY A 171 -9.50 22.03 -16.93
N ILE A 172 -8.25 22.01 -16.50
CA ILE A 172 -7.86 21.80 -15.15
C ILE A 172 -7.32 23.11 -14.59
N SER A 173 -7.74 23.44 -13.37
CA SER A 173 -7.19 24.61 -12.70
C SER A 173 -5.85 24.21 -12.07
N THR A 174 -5.93 23.41 -11.01
CA THR A 174 -4.80 22.78 -10.39
C THR A 174 -5.17 21.32 -10.16
N ALA A 175 -4.21 20.42 -10.38
CA ALA A 175 -4.36 19.01 -10.03
C ALA A 175 -3.33 18.65 -8.96
N VAL A 176 -3.78 17.94 -7.92
CA VAL A 176 -2.93 17.53 -6.82
C VAL A 176 -2.96 16.01 -6.70
N GLY A 177 -1.81 15.38 -6.81
CA GLY A 177 -1.70 13.96 -6.46
C GLY A 177 -1.38 13.86 -4.97
N ILE A 178 -2.29 13.30 -4.15
CA ILE A 178 -2.14 13.30 -2.70
C ILE A 178 -1.38 12.06 -2.17
N GLY A 179 -1.17 11.03 -3.00
CA GLY A 179 -0.33 9.91 -2.69
C GLY A 179 -1.10 8.63 -2.39
N GLY A 180 -0.39 7.52 -2.60
CA GLY A 180 -0.93 6.18 -2.50
C GLY A 180 -0.51 5.43 -1.23
N ASP A 181 0.09 6.13 -0.28
CA ASP A 181 0.61 5.51 0.95
C ASP A 181 -0.45 5.59 2.06
N PRO A 182 -0.29 4.80 3.14
CA PRO A 182 -1.25 4.77 4.21
C PRO A 182 -1.28 6.07 5.03
N ILE A 183 -0.13 6.71 5.16
CA ILE A 183 -0.07 8.07 5.72
C ILE A 183 0.38 9.05 4.60
N ILE A 184 -0.43 10.08 4.38
CA ILE A 184 -0.17 11.10 3.41
C ILE A 184 -0.39 12.44 4.10
N GLY A 185 -0.21 13.52 3.35
CA GLY A 185 -0.34 14.84 3.89
C GLY A 185 -1.70 15.43 3.62
N LEU A 186 -1.72 16.57 2.92
CA LEU A 186 -2.96 17.18 2.52
C LEU A 186 -3.82 16.15 1.75
N ALA A 187 -5.12 16.14 2.03
CA ALA A 187 -6.02 15.22 1.33
C ALA A 187 -7.31 15.95 0.89
N TYR A 188 -8.43 15.25 0.87
CA TYR A 188 -9.66 15.76 0.24
C TYR A 188 -10.16 16.99 0.99
N LYS A 189 -10.25 16.93 2.32
CA LYS A 189 -10.90 18.03 3.08
C LYS A 189 -10.17 19.36 2.86
N GLU A 190 -8.84 19.34 3.04
CA GLU A 190 -8.03 20.55 2.96
C GLU A 190 -8.06 21.11 1.53
N LEU A 191 -7.93 20.22 0.54
CA LEU A 191 -7.84 20.66 -0.83
C LEU A 191 -9.21 21.07 -1.36
N LEU A 192 -10.27 20.37 -0.96
CA LEU A 192 -11.63 20.80 -1.35
C LEU A 192 -11.92 22.21 -0.80
N SER A 193 -11.48 22.50 0.44
CA SER A 193 -11.63 23.86 0.99
C SER A 193 -10.86 24.90 0.18
N GLU A 194 -9.62 24.60 -0.22
CA GLU A 194 -8.86 25.51 -1.10
C GLU A 194 -9.64 25.78 -2.40
N PHE A 195 -10.17 24.71 -3.02
CA PHE A 195 -10.85 24.83 -4.32
C PHE A 195 -12.16 25.62 -4.18
N GLN A 196 -12.84 25.47 -3.05
CA GLN A 196 -14.08 26.18 -2.78
C GLN A 196 -13.79 27.69 -2.74
N LYS A 197 -12.65 28.09 -2.19
CA LYS A 197 -12.22 29.50 -2.12
C LYS A 197 -11.60 30.02 -3.43
N ASP A 198 -11.24 29.14 -4.38
CA ASP A 198 -10.58 29.53 -5.62
C ASP A 198 -11.68 29.86 -6.64
N ASP A 199 -11.79 31.14 -7.00
CA ASP A 199 -12.81 31.61 -7.94
C ASP A 199 -12.62 30.99 -9.34
N GLU A 200 -11.40 30.59 -9.73
CA GLU A 200 -11.19 29.99 -11.06
C GLU A 200 -11.70 28.54 -11.09
N THR A 201 -11.98 27.92 -9.94
CA THR A 201 -12.42 26.54 -9.98
C THR A 201 -13.95 26.48 -9.87
N LYS A 202 -14.61 25.78 -10.78
CA LYS A 202 -16.09 25.65 -10.70
C LYS A 202 -16.55 24.25 -10.33
N ALA A 203 -15.66 23.26 -10.42
CA ALA A 203 -16.04 21.90 -10.09
C ALA A 203 -14.76 21.14 -9.72
N ILE A 204 -14.92 20.10 -8.91
CA ILE A 204 -13.78 19.31 -8.47
C ILE A 204 -14.03 17.84 -8.78
N VAL A 205 -13.01 17.20 -9.35
CA VAL A 205 -12.95 15.74 -9.48
C VAL A 205 -12.07 15.19 -8.35
N MET A 206 -12.60 14.26 -7.57
CA MET A 206 -11.84 13.54 -6.57
C MET A 206 -11.71 12.08 -7.02
N ILE A 207 -10.46 11.61 -7.04
CA ILE A 207 -10.12 10.23 -7.44
CA ILE A 207 -10.12 10.24 -7.43
C ILE A 207 -9.55 9.53 -6.21
N GLY A 208 -10.20 8.44 -5.79
CA GLY A 208 -9.76 7.72 -4.63
C GLY A 208 -9.51 6.29 -4.97
N GLU A 209 -9.24 5.50 -3.92
CA GLU A 209 -9.09 4.08 -4.04
C GLU A 209 -9.34 3.41 -2.69
N ILE A 210 -9.38 2.08 -2.73
CA ILE A 210 -9.50 1.24 -1.57
C ILE A 210 -8.46 1.63 -0.53
N GLY A 211 -8.83 1.42 0.75
CA GLY A 211 -7.89 1.51 1.88
C GLY A 211 -8.15 2.77 2.70
N GLY A 212 -8.22 2.59 4.02
CA GLY A 212 -8.64 3.62 4.96
C GLY A 212 -10.00 4.19 4.57
N SER A 213 -10.35 5.31 5.17
CA SER A 213 -11.75 5.81 5.05
C SER A 213 -11.78 7.32 4.79
N LEU A 214 -10.71 7.87 4.21
CA LEU A 214 -10.69 9.34 3.92
C LEU A 214 -11.89 9.73 3.06
N GLU A 215 -12.21 8.91 2.06
CA GLU A 215 -13.26 9.26 1.09
C GLU A 215 -14.66 9.18 1.74
N VAL A 216 -14.84 8.30 2.72
CA VAL A 216 -16.13 8.22 3.49
C VAL A 216 -16.28 9.51 4.31
N GLU A 217 -15.26 9.86 5.10
CA GLU A 217 -15.27 11.07 5.92
C GLU A 217 -15.45 12.33 5.05
N ALA A 218 -14.86 12.33 3.84
CA ALA A 218 -14.99 13.50 2.93
C ALA A 218 -16.46 13.74 2.53
N ALA A 219 -17.28 12.70 2.53
CA ALA A 219 -18.63 12.81 1.97
C ALA A 219 -19.48 13.79 2.80
N LYS A 220 -19.50 13.58 4.10
CA LYS A 220 -20.26 14.44 4.99
C LYS A 220 -19.67 15.85 4.97
N PHE A 221 -18.34 15.92 4.99
CA PHE A 221 -17.66 17.17 4.93
C PHE A 221 -18.10 17.96 3.69
N ILE A 222 -18.17 17.31 2.52
CA ILE A 222 -18.61 17.98 1.28
C ILE A 222 -20.04 18.56 1.46
N LYS A 223 -20.95 17.71 1.94
CA LYS A 223 -22.33 18.14 2.15
C LYS A 223 -22.37 19.42 2.99
N GLU A 224 -21.60 19.45 4.08
CA GLU A 224 -21.65 20.52 5.04
C GLU A 224 -20.83 21.74 4.61
N ASN A 225 -19.83 21.60 3.73
CA ASN A 225 -18.88 22.73 3.58
C ASN A 225 -18.63 23.13 2.12
N ILE A 226 -18.91 22.27 1.16
CA ILE A 226 -18.45 22.48 -0.21
C ILE A 226 -19.70 22.60 -1.10
N SER A 227 -19.93 23.78 -1.66
CA SER A 227 -21.13 23.95 -2.51
C SER A 227 -20.79 23.77 -4.00
N LYS A 228 -19.52 23.86 -4.38
CA LYS A 228 -19.14 23.52 -5.75
C LYS A 228 -19.38 22.04 -5.98
N PRO A 229 -19.84 21.66 -7.20
CA PRO A 229 -20.07 20.26 -7.54
C PRO A 229 -18.77 19.42 -7.48
N VAL A 230 -18.93 18.18 -7.01
CA VAL A 230 -17.87 17.24 -6.87
C VAL A 230 -18.24 15.95 -7.62
N VAL A 231 -17.29 15.49 -8.45
CA VAL A 231 -17.35 14.23 -9.13
C VAL A 231 -16.34 13.32 -8.44
N ALA A 232 -16.73 12.07 -8.18
CA ALA A 232 -15.84 11.08 -7.55
C ALA A 232 -15.79 9.81 -8.36
N PHE A 233 -14.55 9.29 -8.49
CA PHE A 233 -14.31 7.94 -8.95
C PHE A 233 -13.42 7.26 -7.90
N ILE A 234 -13.84 6.09 -7.42
CA ILE A 234 -13.14 5.35 -6.41
C ILE A 234 -12.70 4.04 -7.06
N ALA A 235 -11.39 3.88 -7.25
CA ALA A 235 -10.87 2.66 -7.89
C ALA A 235 -10.87 1.48 -6.90
N GLY A 236 -11.06 0.27 -7.42
CA GLY A 236 -10.89 -0.95 -6.62
C GLY A 236 -12.18 -1.69 -6.28
N ALA A 237 -13.29 -1.39 -6.97
CA ALA A 237 -14.56 -2.12 -6.77
C ALA A 237 -14.35 -3.62 -6.88
N THR A 238 -13.42 -4.05 -7.76
CA THR A 238 -13.19 -5.46 -8.05
C THR A 238 -11.98 -5.97 -7.27
N ALA A 239 -11.38 -5.16 -6.40
CA ALA A 239 -10.20 -5.65 -5.65
C ALA A 239 -10.61 -6.72 -4.64
N PRO A 240 -9.85 -7.82 -4.50
CA PRO A 240 -10.09 -8.78 -3.41
C PRO A 240 -9.72 -8.15 -2.06
N LYS A 241 -10.36 -8.62 -1.00
CA LYS A 241 -10.19 -8.12 0.32
C LYS A 241 -8.81 -8.54 0.80
N GLY A 242 -8.18 -7.73 1.65
CA GLY A 242 -6.98 -8.14 2.35
C GLY A 242 -5.77 -8.29 1.46
N LYS A 243 -5.79 -7.72 0.25
CA LYS A 243 -4.65 -7.83 -0.71
C LYS A 243 -4.20 -6.45 -1.18
N ARG A 244 -2.89 -6.18 -1.10
CA ARG A 244 -2.32 -4.94 -1.59
C ARG A 244 -2.38 -4.89 -3.13
N MET A 245 -3.00 -3.83 -3.66
CA MET A 245 -3.13 -3.59 -5.09
C MET A 245 -2.11 -2.51 -5.52
N GLY A 246 -0.85 -2.92 -5.56
CA GLY A 246 0.27 -2.06 -5.92
C GLY A 246 0.63 -1.08 -4.82
N HIS A 247 -0.16 -0.02 -4.68
CA HIS A 247 0.11 0.99 -3.64
C HIS A 247 0.08 0.41 -2.22
N ALA A 248 1.05 0.81 -1.38
CA ALA A 248 1.05 0.37 0.03
C ALA A 248 -0.31 0.68 0.70
N GLY A 249 -0.97 1.77 0.34
CA GLY A 249 -2.21 2.14 0.97
C GLY A 249 -3.42 1.40 0.43
N ALA A 250 -3.26 0.68 -0.69
CA ALA A 250 -4.41 0.16 -1.40
C ALA A 250 -4.70 -1.27 -0.96
N ILE A 251 -5.33 -1.39 0.21
CA ILE A 251 -5.62 -2.68 0.79
C ILE A 251 -6.92 -2.55 1.60
N VAL A 252 -7.86 -3.45 1.34
CA VAL A 252 -9.14 -3.46 2.05
C VAL A 252 -8.99 -4.37 3.28
N GLY A 253 -8.88 -3.75 4.46
CA GLY A 253 -8.79 -4.46 5.76
C GLY A 253 -10.16 -4.69 6.40
N SER A 254 -11.09 -3.75 6.25
CA SER A 254 -12.47 -3.89 6.75
C SER A 254 -13.45 -3.23 5.76
N ALA A 255 -14.76 -3.51 5.92
CA ALA A 255 -15.77 -3.21 4.90
C ALA A 255 -15.82 -1.72 4.56
N ASP A 256 -15.58 -0.85 5.53
CA ASP A 256 -15.62 0.62 5.30
C ASP A 256 -14.38 1.13 4.51
N GLU A 257 -13.42 0.25 4.19
CA GLU A 257 -12.27 0.62 3.38
C GLU A 257 -12.50 0.22 1.92
N SER A 258 -13.58 -0.48 1.65
CA SER A 258 -13.88 -0.99 0.33
C SER A 258 -14.35 0.12 -0.62
N ALA A 259 -14.25 -0.13 -1.91
CA ALA A 259 -14.67 0.90 -2.86
C ALA A 259 -16.19 1.11 -2.73
N ALA A 260 -16.96 0.03 -2.59
CA ALA A 260 -18.45 0.13 -2.51
C ALA A 260 -18.85 1.03 -1.33
N ALA A 261 -18.20 0.86 -0.16
CA ALA A 261 -18.53 1.64 1.04
C ALA A 261 -18.26 3.13 0.81
N LYS A 262 -17.18 3.44 0.10
CA LYS A 262 -16.84 4.82 -0.13
C LYS A 262 -17.83 5.43 -1.12
N LYS A 263 -18.08 4.71 -2.22
CA LYS A 263 -19.02 5.20 -3.29
C LYS A 263 -20.43 5.44 -2.73
N GLU A 264 -20.85 4.53 -1.85
CA GLU A 264 -22.20 4.60 -1.22
C GLU A 264 -22.28 5.82 -0.30
N ALA A 265 -21.22 6.07 0.49
CA ALA A 265 -21.22 7.23 1.39
C ALA A 265 -21.25 8.51 0.55
N LEU A 266 -20.40 8.58 -0.47
CA LEU A 266 -20.32 9.78 -1.32
C LEU A 266 -21.66 10.03 -2.02
N LYS A 267 -22.25 8.97 -2.56
CA LYS A 267 -23.54 9.07 -3.27
C LYS A 267 -24.65 9.60 -2.33
N SER A 268 -24.71 9.10 -1.10
CA SER A 268 -25.77 9.45 -0.17
C SER A 268 -25.61 10.89 0.30
N TYR A 269 -24.42 11.49 0.20
CA TYR A 269 -24.24 12.89 0.59
C TYR A 269 -24.29 13.82 -0.62
N GLY A 270 -24.72 13.32 -1.79
CA GLY A 270 -24.97 14.17 -2.99
C GLY A 270 -23.77 14.31 -3.94
N ILE A 271 -22.64 13.63 -3.66
CA ILE A 271 -21.48 13.69 -4.60
C ILE A 271 -21.90 12.98 -5.91
N HIS A 272 -21.40 13.46 -7.05
CA HIS A 272 -21.64 12.77 -8.32
C HIS A 272 -20.66 11.62 -8.48
N VAL A 273 -21.11 10.40 -8.21
CA VAL A 273 -20.27 9.25 -8.20
C VAL A 273 -20.35 8.59 -9.58
N VAL A 274 -19.20 8.29 -10.16
CA VAL A 274 -19.10 7.67 -11.48
C VAL A 274 -18.63 6.22 -11.29
N ASP A 275 -19.32 5.27 -11.94
CA ASP A 275 -19.00 3.85 -11.82
C ASP A 275 -17.87 3.49 -12.78
N SER A 276 -17.93 3.97 -14.02
CA SER A 276 -16.95 3.59 -15.03
C SER A 276 -15.89 4.67 -15.06
N PRO A 277 -14.59 4.32 -15.00
CA PRO A 277 -13.55 5.34 -15.05
C PRO A 277 -13.44 6.05 -16.40
N ALA A 278 -14.13 5.52 -17.42
CA ALA A 278 -14.11 6.12 -18.75
C ALA A 278 -14.99 7.35 -18.81
N LEU A 279 -15.88 7.56 -17.82
CA LEU A 279 -16.97 8.54 -17.92
C LEU A 279 -16.82 9.72 -16.95
N ILE A 280 -15.59 10.00 -16.47
CA ILE A 280 -15.33 11.13 -15.60
C ILE A 280 -15.55 12.46 -16.36
N GLY A 281 -14.95 12.56 -17.55
CA GLY A 281 -15.15 13.74 -18.41
C GLY A 281 -16.64 13.98 -18.69
N GLU A 282 -17.36 12.91 -19.02
CA GLU A 282 -18.77 13.02 -19.32
C GLU A 282 -19.52 13.57 -18.11
N GLU A 283 -19.12 13.18 -16.88
CA GLU A 283 -19.85 13.64 -15.71
C GLU A 283 -19.67 15.15 -15.56
N ILE A 284 -18.46 15.63 -15.80
CA ILE A 284 -18.21 17.05 -15.77
C ILE A 284 -19.07 17.79 -16.82
N GLN A 285 -19.21 17.25 -18.03
CA GLN A 285 -20.09 17.83 -19.07
C GLN A 285 -21.56 17.87 -18.60
N LYS A 286 -22.04 16.81 -17.96
CA LYS A 286 -23.37 16.84 -17.40
C LYS A 286 -23.55 18.03 -16.46
N ILE A 287 -22.53 18.25 -15.62
CA ILE A 287 -22.65 19.23 -14.58
C ILE A 287 -22.56 20.63 -15.18
N LEU A 288 -21.54 20.87 -16.00
CA LEU A 288 -21.23 22.22 -16.41
C LEU A 288 -21.96 22.59 -17.71
N GLY A 289 -22.43 21.60 -18.46
CA GLY A 289 -23.05 21.83 -19.79
C GLY A 289 -22.08 21.60 -20.93
N GLU A 290 -22.61 21.64 -22.16
CA GLU A 290 -21.85 21.39 -23.42
C GLU A 290 -20.81 22.49 -23.71
N MET B 1 5.55 -8.51 5.20
CA MET B 1 6.03 -9.90 5.31
C MET B 1 5.69 -10.46 6.71
N ASN B 2 5.25 -11.71 6.73
CA ASN B 2 4.88 -12.45 7.93
C ASN B 2 5.98 -13.46 8.24
N ILE B 3 6.05 -13.91 9.50
CA ILE B 3 6.99 -14.91 9.96
C ILE B 3 6.25 -15.99 10.78
N HIS B 4 6.94 -17.10 11.04
CA HIS B 4 6.39 -18.21 11.82
C HIS B 4 6.41 -17.87 13.30
N GLU B 5 5.57 -18.61 14.04
CA GLU B 5 5.61 -18.59 15.49
C GLU B 5 7.03 -18.76 16.05
N TYR B 6 7.79 -19.76 15.56
CA TYR B 6 9.11 -20.04 16.17
C TYR B 6 10.08 -18.88 15.90
N GLN B 7 9.92 -18.24 14.75
CA GLN B 7 10.81 -17.15 14.42
C GLN B 7 10.48 -15.92 15.30
N ALA B 8 9.19 -15.63 15.50
CA ALA B 8 8.76 -14.53 16.39
C ALA B 8 9.34 -14.74 17.78
N LYS B 9 9.28 -16.00 18.24
CA LYS B 9 9.68 -16.28 19.61
C LYS B 9 11.20 -16.17 19.77
N ALA B 10 11.98 -16.53 18.74
CA ALA B 10 13.43 -16.30 18.82
C ALA B 10 13.75 -14.79 18.87
N ILE B 11 12.99 -13.97 18.13
CA ILE B 11 13.14 -12.49 18.23
C ILE B 11 12.83 -12.03 19.65
N PHE B 12 11.75 -12.58 20.21
CA PHE B 12 11.34 -12.23 21.59
C PHE B 12 12.53 -12.53 22.54
N VAL B 13 13.10 -13.74 22.42
CA VAL B 13 14.20 -14.16 23.30
C VAL B 13 15.37 -13.19 23.08
N ASP B 14 15.67 -12.85 21.83
CA ASP B 14 16.78 -11.93 21.56
C ASP B 14 16.53 -10.54 22.12
N ASN B 15 15.29 -10.19 22.53
CA ASN B 15 15.01 -8.82 22.97
C ASN B 15 14.60 -8.81 24.43
N GLY B 16 14.82 -9.94 25.13
CA GLY B 16 14.54 -10.03 26.55
C GLY B 16 13.05 -10.15 26.89
N ILE B 17 12.21 -10.61 25.96
CA ILE B 17 10.83 -10.77 26.21
C ILE B 17 10.61 -12.19 26.72
N PRO B 18 9.94 -12.36 27.87
CA PRO B 18 9.69 -13.70 28.42
C PRO B 18 9.02 -14.63 27.39
N THR B 19 9.55 -15.85 27.29
CA THR B 19 8.99 -16.86 26.39
C THR B 19 9.16 -18.23 27.04
N LEU B 20 8.22 -19.14 26.73
CA LEU B 20 8.35 -20.51 27.11
C LEU B 20 9.58 -21.04 26.39
N LYS B 21 10.24 -22.04 26.96
CA LYS B 21 11.39 -22.64 26.27
CA LYS B 21 11.39 -22.70 26.31
C LYS B 21 10.86 -23.48 25.10
N GLY B 22 11.56 -23.41 23.98
CA GLY B 22 11.13 -24.17 22.83
C GLY B 22 12.19 -24.15 21.76
N LYS B 23 12.05 -25.03 20.76
CA LYS B 23 12.97 -25.03 19.66
C LYS B 23 12.33 -25.68 18.44
N VAL B 24 12.68 -25.16 17.27
CA VAL B 24 12.16 -25.61 16.01
C VAL B 24 12.77 -26.99 15.69
N ALA B 25 12.04 -27.82 14.95
CA ALA B 25 12.49 -29.14 14.55
C ALA B 25 12.11 -29.37 13.09
N PHE B 26 13.08 -29.88 12.33
CA PHE B 26 12.92 -30.18 10.92
C PHE B 26 12.79 -31.69 10.66
N SER B 27 12.80 -32.53 11.69
CA SER B 27 12.63 -33.96 11.52
C SER B 27 12.02 -34.49 12.82
N VAL B 28 11.56 -35.75 12.77
CA VAL B 28 11.01 -36.39 13.95
C VAL B 28 12.12 -36.54 15.02
N ASP B 29 13.31 -36.99 14.61
CA ASP B 29 14.44 -37.20 15.54
C ASP B 29 14.80 -35.85 16.21
N GLU B 30 14.82 -34.79 15.41
CA GLU B 30 15.07 -33.45 15.95
C GLU B 30 14.00 -33.07 16.97
N ALA B 31 12.73 -33.37 16.69
CA ALA B 31 11.67 -33.07 17.67
C ALA B 31 11.95 -33.77 19.00
N VAL B 32 12.24 -35.09 18.95
CA VAL B 32 12.51 -35.89 20.18
C VAL B 32 13.71 -35.31 20.94
N ALA B 33 14.81 -35.06 20.22
CA ALA B 33 16.02 -34.51 20.82
C ALA B 33 15.70 -33.17 21.52
N ASN B 34 14.88 -32.34 20.86
CA ASN B 34 14.49 -31.01 21.40
C ASN B 34 13.77 -31.21 22.74
N ALA B 35 12.79 -32.14 22.76
CA ALA B 35 12.04 -32.39 24.01
C ALA B 35 13.03 -32.80 25.11
N LYS B 36 13.96 -33.70 24.78
CA LYS B 36 14.95 -34.23 25.75
C LYS B 36 15.73 -33.05 26.33
N GLU B 37 16.26 -32.21 25.43
CA GLU B 37 17.06 -31.03 25.77
C GLU B 37 16.27 -30.03 26.63
N LEU B 38 14.96 -29.87 26.39
CA LEU B 38 14.11 -28.86 27.12
C LEU B 38 13.83 -29.34 28.55
N GLY B 39 13.69 -30.65 28.71
CA GLY B 39 13.37 -31.29 30.01
C GLY B 39 11.88 -31.22 30.31
N GLY B 40 11.53 -31.27 31.61
CA GLY B 40 10.15 -31.35 32.12
C GLY B 40 9.48 -32.63 31.63
N SER B 41 8.14 -32.66 31.72
CA SER B 41 7.36 -33.87 31.37
C SER B 41 6.20 -33.58 30.38
N VAL B 42 6.15 -32.38 29.79
CA VAL B 42 5.05 -31.93 28.87
C VAL B 42 5.65 -31.07 27.74
N TRP B 43 5.36 -31.40 26.48
CA TRP B 43 5.82 -30.66 25.34
C TRP B 43 4.68 -30.52 24.34
N ALA B 44 4.47 -29.29 23.88
CA ALA B 44 3.60 -29.05 22.75
C ALA B 44 4.38 -29.33 21.47
N VAL B 45 3.78 -30.09 20.56
CA VAL B 45 4.32 -30.36 19.25
C VAL B 45 3.44 -29.64 18.24
N LYS B 46 3.99 -28.62 17.58
CA LYS B 46 3.19 -27.64 16.80
C LYS B 46 3.63 -27.55 15.36
N ALA B 47 2.68 -27.73 14.46
CA ALA B 47 2.86 -27.40 13.08
C ALA B 47 3.27 -25.91 12.97
N GLN B 48 4.22 -25.62 12.09
CA GLN B 48 4.62 -24.22 11.82
C GLN B 48 4.24 -23.91 10.38
N ILE B 49 3.07 -23.28 10.23
CA ILE B 49 2.60 -22.62 9.03
C ILE B 49 2.16 -21.22 9.47
N HIS B 50 2.16 -20.26 8.54
CA HIS B 50 1.77 -18.86 8.82
C HIS B 50 0.29 -18.77 9.23
N ALA B 51 -0.58 -19.54 8.57
CA ALA B 51 -2.05 -19.46 8.79
C ALA B 51 -2.37 -19.86 10.24
N GLY B 52 -3.32 -19.14 10.83
CA GLY B 52 -3.88 -19.42 12.19
C GLY B 52 -4.78 -20.65 12.15
N GLY B 53 -5.32 -21.00 13.32
CA GLY B 53 -6.31 -22.09 13.45
C GLY B 53 -5.67 -23.47 13.43
N ARG B 54 -4.38 -23.57 13.78
CA ARG B 54 -3.62 -24.82 13.66
C ARG B 54 -4.18 -25.87 14.64
N GLY B 55 -4.68 -25.42 15.79
CA GLY B 55 -5.19 -26.33 16.84
C GLY B 55 -6.42 -27.12 16.37
N LEU B 56 -7.42 -26.40 15.88
CA LEU B 56 -8.64 -27.03 15.38
C LEU B 56 -8.32 -27.94 14.19
N GLY B 57 -7.34 -27.53 13.40
CA GLY B 57 -6.93 -28.28 12.22
C GLY B 57 -6.25 -29.59 12.55
N GLY B 58 -5.75 -29.73 13.77
CA GLY B 58 -5.09 -30.95 14.23
C GLY B 58 -3.57 -30.87 14.19
N GLY B 59 -3.05 -29.64 14.18
CA GLY B 59 -1.62 -29.40 14.06
C GLY B 59 -0.92 -29.13 15.38
N VAL B 60 -1.63 -29.22 16.50
CA VAL B 60 -1.02 -29.00 17.78
C VAL B 60 -1.39 -30.15 18.72
N LYS B 61 -0.39 -30.89 19.21
CA LYS B 61 -0.64 -32.04 20.08
C LYS B 61 0.30 -31.93 21.29
N ILE B 62 -0.23 -32.19 22.49
CA ILE B 62 0.53 -32.04 23.74
C ILE B 62 1.01 -33.42 24.23
N ALA B 63 2.32 -33.66 24.12
CA ALA B 63 2.94 -34.92 24.47
C ALA B 63 3.31 -34.91 25.94
N LYS B 64 3.10 -36.07 26.61
CA LYS B 64 3.33 -36.27 28.03
C LYS B 64 4.57 -37.16 28.29
N ASN B 65 5.17 -37.71 27.24
CA ASN B 65 6.40 -38.49 27.31
C ASN B 65 7.04 -38.50 25.93
N LEU B 66 8.29 -38.96 25.84
CA LEU B 66 9.08 -38.85 24.64
C LEU B 66 8.57 -39.74 23.50
N ASP B 67 7.78 -40.78 23.81
CA ASP B 67 7.17 -41.63 22.79
C ASP B 67 6.04 -40.85 22.09
N GLU B 68 5.24 -40.16 22.90
CA GLU B 68 4.19 -39.26 22.39
C GLU B 68 4.82 -38.16 21.51
N VAL B 69 5.96 -37.59 21.92
CA VAL B 69 6.67 -36.57 21.11
C VAL B 69 6.97 -37.16 19.75
N LYS B 70 7.59 -38.35 19.75
CA LYS B 70 7.97 -39.02 18.53
C LYS B 70 6.72 -39.31 17.68
N ASP B 71 5.69 -39.84 18.31
CA ASP B 71 4.48 -40.19 17.59
C ASP B 71 3.82 -38.94 16.97
N TYR B 72 3.68 -37.89 17.78
CA TYR B 72 2.97 -36.66 17.37
C TYR B 72 3.74 -35.96 16.25
N ALA B 73 5.05 -35.89 16.39
CA ALA B 73 5.87 -35.26 15.40
C ALA B 73 5.74 -36.02 14.07
N SER B 74 5.67 -37.35 14.12
CA SER B 74 5.51 -38.16 12.91
C SER B 74 4.18 -37.85 12.23
N LYS B 75 3.11 -37.74 13.00
CA LYS B 75 1.78 -37.42 12.46
C LYS B 75 1.72 -35.99 11.91
N ILE B 76 2.33 -35.01 12.59
CA ILE B 76 2.18 -33.57 12.16
C ILE B 76 3.15 -33.20 11.03
N LEU B 77 4.44 -33.52 11.20
CA LEU B 77 5.40 -33.20 10.15
C LEU B 77 5.04 -33.95 8.86
N GLY B 78 4.89 -33.23 7.75
CA GLY B 78 4.47 -33.80 6.46
C GLY B 78 2.96 -33.81 6.25
N MET B 79 2.15 -33.51 7.26
CA MET B 79 0.69 -33.48 7.05
C MET B 79 0.35 -32.31 6.14
N ASN B 80 -0.78 -32.42 5.45
CA ASN B 80 -1.44 -31.32 4.79
C ASN B 80 -2.41 -30.68 5.79
N LEU B 81 -2.01 -29.58 6.47
CA LEU B 81 -2.79 -29.03 7.61
C LEU B 81 -3.86 -28.12 7.04
N VAL B 82 -5.13 -28.47 7.26
CA VAL B 82 -6.27 -27.62 6.86
C VAL B 82 -6.74 -26.87 8.11
N THR B 83 -6.82 -25.55 8.01
CA THR B 83 -7.42 -24.69 9.06
C THR B 83 -8.45 -23.80 8.41
N HIS B 84 -9.23 -23.12 9.23
CA HIS B 84 -10.17 -22.11 8.71
C HIS B 84 -9.38 -21.08 7.89
N GLN B 85 -8.12 -20.79 8.25
CA GLN B 85 -7.33 -19.69 7.61
C GLN B 85 -6.58 -20.19 6.35
N THR B 86 -6.34 -21.49 6.20
CA THR B 86 -5.63 -21.95 5.02
C THR B 86 -6.61 -22.03 3.85
N GLY B 87 -7.91 -22.19 4.16
CA GLY B 87 -8.87 -22.66 3.23
C GLY B 87 -8.69 -24.15 2.92
N PRO B 88 -9.57 -24.74 2.09
CA PRO B 88 -9.71 -26.20 2.00
C PRO B 88 -8.48 -26.93 1.48
N GLU B 89 -7.62 -26.24 0.73
CA GLU B 89 -6.41 -26.88 0.13
C GLU B 89 -5.38 -27.20 1.22
N GLY B 90 -5.41 -26.44 2.33
CA GLY B 90 -4.49 -26.70 3.42
C GLY B 90 -3.08 -26.22 3.08
N LYS B 91 -2.12 -26.60 3.91
CA LYS B 91 -0.75 -26.22 3.76
CA LYS B 91 -0.75 -26.22 3.79
C LYS B 91 0.13 -27.37 4.29
N LEU B 92 1.16 -27.69 3.52
CA LEU B 92 2.12 -28.75 3.86
C LEU B 92 2.92 -28.25 5.05
N VAL B 93 2.99 -29.04 6.11
CA VAL B 93 3.79 -28.70 7.29
C VAL B 93 5.22 -29.23 7.10
N GLN B 94 6.22 -28.32 7.12
CA GLN B 94 7.61 -28.66 6.83
C GLN B 94 8.51 -28.42 8.06
N LYS B 95 7.97 -27.90 9.17
CA LYS B 95 8.73 -27.66 10.38
C LYS B 95 7.76 -27.72 11.55
N LEU B 96 8.29 -28.10 12.71
CA LEU B 96 7.58 -28.15 13.97
C LEU B 96 8.27 -27.20 14.93
N TYR B 97 7.48 -26.71 15.89
CA TYR B 97 8.01 -26.07 17.04
C TYR B 97 7.69 -26.98 18.21
N ILE B 98 8.71 -27.29 19.01
CA ILE B 98 8.56 -28.07 20.25
C ILE B 98 8.69 -27.12 21.44
N GLU B 99 7.65 -26.99 22.25
CA GLU B 99 7.61 -25.98 23.32
C GLU B 99 7.24 -26.63 24.67
N SER B 100 7.90 -26.22 25.77
CA SER B 100 7.51 -26.72 27.08
C SER B 100 6.04 -26.36 27.35
N GLY B 101 5.32 -27.32 27.91
CA GLY B 101 3.92 -27.15 28.31
C GLY B 101 3.85 -26.31 29.56
N ALA B 102 2.92 -25.35 29.61
CA ALA B 102 2.79 -24.49 30.77
C ALA B 102 1.51 -24.92 31.53
N ASN B 103 1.41 -24.52 32.80
CA ASN B 103 0.19 -24.66 33.57
CA ASN B 103 0.18 -24.67 33.58
C ASN B 103 -0.61 -23.38 33.40
N ILE B 104 -1.55 -23.40 32.45
CA ILE B 104 -2.28 -22.22 32.04
C ILE B 104 -3.46 -22.01 32.98
N VAL B 105 -3.63 -20.78 33.49
CA VAL B 105 -4.84 -20.47 34.26
C VAL B 105 -5.71 -19.40 33.58
N LYS B 106 -5.15 -18.59 32.69
CA LYS B 106 -5.88 -17.57 31.97
C LYS B 106 -5.32 -17.45 30.56
N GLU B 107 -6.17 -17.04 29.63
CA GLU B 107 -5.76 -16.76 28.28
C GLU B 107 -6.39 -15.43 27.87
N TYR B 108 -5.56 -14.55 27.29
CA TYR B 108 -5.95 -13.23 26.87
C TYR B 108 -5.62 -13.04 25.39
N TYR B 109 -6.23 -12.03 24.78
CA TYR B 109 -5.85 -11.55 23.50
C TYR B 109 -4.98 -10.30 23.67
N LEU B 110 -3.86 -10.22 22.93
CA LEU B 110 -3.09 -8.92 22.94
C LEU B 110 -2.57 -8.66 21.54
N ALA B 111 -2.81 -7.47 21.00
CA ALA B 111 -2.21 -7.07 19.72
C ALA B 111 -1.73 -5.61 19.77
N ILE B 112 -0.68 -5.34 19.00
CA ILE B 112 -0.18 -4.00 18.69
C ILE B 112 -0.23 -3.83 17.19
N LEU B 113 -0.87 -2.75 16.73
CA LEU B 113 -1.08 -2.59 15.31
C LEU B 113 -1.25 -1.12 14.97
N PHE B 114 -1.13 -0.83 13.68
CA PHE B 114 -1.21 0.52 13.16
C PHE B 114 -2.67 0.98 13.05
N ASN B 115 -2.94 2.19 13.53
CA ASN B 115 -4.24 2.80 13.36
C ASN B 115 -4.13 3.88 12.30
N ARG B 116 -4.57 3.52 11.12
CA ARG B 116 -4.39 4.33 9.90
C ARG B 116 -5.13 5.65 10.05
N MET B 117 -6.38 5.61 10.50
CA MET B 117 -7.21 6.84 10.60
C MET B 117 -6.61 7.82 11.64
N ALA B 118 -6.02 7.32 12.73
CA ALA B 118 -5.49 8.24 13.75
C ALA B 118 -4.00 8.52 13.54
N GLU B 119 -3.37 7.82 12.58
CA GLU B 119 -1.94 7.87 12.30
C GLU B 119 -1.17 7.55 13.59
N GLN B 120 -1.61 6.52 14.31
CA GLN B 120 -0.88 6.17 15.55
C GLN B 120 -1.00 4.65 15.76
N ILE B 121 -0.56 4.16 16.95
CA ILE B 121 -0.54 2.76 17.24
C ILE B 121 -1.75 2.48 18.15
N THR B 122 -2.29 1.27 18.03
CA THR B 122 -3.34 0.78 18.92
C THR B 122 -2.79 -0.45 19.65
N ILE B 123 -3.03 -0.50 20.96
CA ILE B 123 -2.88 -1.69 21.70
C ILE B 123 -4.29 -2.22 22.01
N ILE B 124 -4.57 -3.42 21.50
CA ILE B 124 -5.83 -4.09 21.74
C ILE B 124 -5.60 -5.26 22.70
N ALA B 125 -6.37 -5.30 23.77
CA ALA B 125 -6.33 -6.43 24.72
C ALA B 125 -7.75 -6.89 25.03
N SER B 126 -7.92 -8.20 25.25
CA SER B 126 -9.21 -8.74 25.69
C SER B 126 -9.00 -9.88 26.68
N SER B 127 -9.96 -10.01 27.58
CA SER B 127 -10.05 -11.15 28.51
C SER B 127 -10.31 -12.46 27.76
N GLU B 128 -10.83 -12.39 26.54
CA GLU B 128 -11.29 -13.56 25.79
C GLU B 128 -10.20 -14.16 24.87
N GLY B 129 -9.11 -14.62 25.49
CA GLY B 129 -8.03 -15.20 24.74
C GLY B 129 -8.48 -16.45 23.99
N GLY B 130 -7.98 -16.62 22.76
CA GLY B 130 -8.30 -17.78 21.92
C GLY B 130 -9.50 -17.51 21.01
N MET B 131 -10.29 -16.48 21.32
CA MET B 131 -11.52 -16.25 20.59
C MET B 131 -11.23 -15.28 19.44
N ASP B 132 -12.22 -15.11 18.57
CA ASP B 132 -12.17 -14.18 17.44
C ASP B 132 -12.43 -12.74 17.97
N ILE B 133 -11.39 -11.91 17.96
CA ILE B 133 -11.44 -10.55 18.50
C ILE B 133 -12.52 -9.69 17.82
N GLU B 134 -12.78 -9.90 16.52
CA GLU B 134 -13.81 -9.12 15.82
CA GLU B 134 -13.83 -9.18 15.76
C GLU B 134 -15.20 -9.51 16.38
N LYS B 135 -15.39 -10.79 16.69
CA LYS B 135 -16.70 -11.22 17.27
C LYS B 135 -16.83 -10.73 18.71
N VAL B 136 -15.72 -10.72 19.47
CA VAL B 136 -15.77 -10.24 20.86
C VAL B 136 -16.10 -8.72 20.87
N ALA B 137 -15.45 -7.95 20.00
CA ALA B 137 -15.71 -6.48 19.89
C ALA B 137 -17.20 -6.21 19.54
N LYS B 138 -17.74 -6.97 18.60
CA LYS B 138 -19.08 -6.76 18.15
C LYS B 138 -20.07 -7.12 19.28
N GLU B 139 -19.87 -8.25 19.94
CA GLU B 139 -20.84 -8.89 20.84
CA GLU B 139 -20.91 -8.78 20.82
C GLU B 139 -20.66 -8.31 22.27
N SER B 140 -19.40 -8.09 22.70
CA SER B 140 -19.11 -7.76 24.11
C SER B 140 -17.98 -6.72 24.21
N PRO B 141 -18.24 -5.44 23.89
CA PRO B 141 -17.17 -4.43 23.83
C PRO B 141 -16.52 -4.17 25.19
N GLU B 142 -17.23 -4.42 26.28
CA GLU B 142 -16.65 -4.21 27.62
C GLU B 142 -15.53 -5.23 27.93
N LYS B 143 -15.40 -6.33 27.17
CA LYS B 143 -14.29 -7.28 27.41
C LYS B 143 -13.01 -6.94 26.59
N ILE B 144 -12.98 -5.76 25.96
CA ILE B 144 -11.88 -5.27 25.10
C ILE B 144 -11.39 -3.90 25.59
N ALA B 145 -10.07 -3.72 25.71
CA ALA B 145 -9.43 -2.38 25.81
C ALA B 145 -8.76 -2.07 24.48
N LYS B 146 -9.11 -0.95 23.88
CA LYS B 146 -8.48 -0.47 22.69
C LYS B 146 -7.78 0.84 23.06
N VAL B 147 -6.46 0.82 23.13
CA VAL B 147 -5.73 1.91 23.73
C VAL B 147 -4.91 2.59 22.65
N GLY B 148 -5.14 3.88 22.48
CA GLY B 148 -4.47 4.68 21.41
C GLY B 148 -3.13 5.20 21.91
N ILE B 149 -2.03 4.77 21.28
CA ILE B 149 -0.71 5.13 21.69
C ILE B 149 -0.14 6.16 20.69
N ASP B 150 -0.02 7.40 21.12
CA ASP B 150 0.64 8.42 20.31
C ASP B 150 2.14 8.12 20.35
N PRO B 151 2.75 7.84 19.17
CA PRO B 151 4.15 7.46 19.14
C PRO B 151 5.13 8.55 19.60
N GLN B 152 4.65 9.80 19.72
CA GLN B 152 5.44 10.85 20.25
C GLN B 152 5.84 10.49 21.69
N ILE B 153 4.91 9.88 22.45
CA ILE B 153 5.18 9.55 23.84
C ILE B 153 5.47 8.05 23.99
N GLY B 154 4.95 7.24 23.08
CA GLY B 154 5.07 5.76 23.26
C GLY B 154 4.22 5.20 24.39
N PHE B 155 4.40 3.91 24.67
CA PHE B 155 3.61 3.16 25.65
C PHE B 155 4.05 3.58 27.06
N LYS B 156 3.06 3.94 27.88
CA LYS B 156 3.31 4.47 29.24
C LYS B 156 2.55 3.59 30.23
N MET B 157 2.96 3.62 31.50
CA MET B 157 2.29 2.91 32.56
C MET B 157 0.79 3.22 32.53
N PHE B 158 0.39 4.47 32.27
CA PHE B 158 -1.05 4.78 32.34
C PHE B 158 -1.84 4.01 31.28
N HIS B 159 -1.20 3.76 30.12
CA HIS B 159 -1.82 2.93 29.06
C HIS B 159 -1.96 1.50 29.57
N GLY B 160 -0.90 1.02 30.22
CA GLY B 160 -0.88 -0.34 30.78
C GLY B 160 -1.96 -0.58 31.82
N LEU B 161 -2.26 0.44 32.64
CA LEU B 161 -3.21 0.27 33.69
C LEU B 161 -4.59 0.03 33.09
N GLU B 162 -4.87 0.62 31.91
CA GLU B 162 -6.12 0.39 31.19
C GLU B 162 -6.19 -1.06 30.68
N VAL B 163 -5.10 -1.57 30.10
CA VAL B 163 -5.06 -2.97 29.72
C VAL B 163 -5.28 -3.87 30.96
N ALA B 164 -4.55 -3.59 32.05
CA ALA B 164 -4.64 -4.43 33.27
C ALA B 164 -6.08 -4.45 33.80
N ARG B 165 -6.78 -3.31 33.77
CA ARG B 165 -8.17 -3.29 34.24
C ARG B 165 -9.00 -4.32 33.43
N VAL B 166 -8.99 -4.24 32.11
CA VAL B 166 -9.88 -5.10 31.31
C VAL B 166 -9.48 -6.58 31.43
N LEU B 167 -8.21 -6.88 31.68
CA LEU B 167 -7.79 -8.25 31.86
C LEU B 167 -8.05 -8.79 33.30
N GLY B 168 -8.62 -7.94 34.17
CA GLY B 168 -8.86 -8.19 35.60
C GLY B 168 -7.61 -8.55 36.39
N LEU B 169 -6.48 -7.87 36.13
CA LEU B 169 -5.25 -8.19 36.78
C LEU B 169 -5.11 -7.38 38.08
N ASP B 170 -4.58 -8.02 39.11
CA ASP B 170 -4.24 -7.32 40.37
C ASP B 170 -2.99 -6.46 40.13
N LYS B 171 -2.55 -5.78 41.19
CA LYS B 171 -1.44 -4.86 41.12
C LYS B 171 -0.18 -5.55 40.58
N ASP B 172 0.24 -6.65 41.19
CA ASP B 172 1.56 -7.23 40.89
C ASP B 172 1.54 -7.94 39.53
N GLU B 173 0.45 -8.61 39.22
CA GLU B 173 0.23 -9.24 37.92
C GLU B 173 0.24 -8.19 36.79
N GLY B 174 -0.50 -7.11 37.02
CA GLY B 174 -0.57 -5.98 36.14
C GLY B 174 0.82 -5.43 35.86
N LYS B 175 1.62 -5.24 36.91
CA LYS B 175 2.98 -4.72 36.74
C LYS B 175 3.80 -5.67 35.86
N LYS B 176 3.68 -6.96 36.08
CA LYS B 176 4.48 -7.90 35.33
C LYS B 176 4.04 -7.90 33.85
N LEU B 177 2.74 -7.90 33.57
CA LEU B 177 2.29 -7.86 32.18
C LEU B 177 2.69 -6.55 31.50
N ILE B 178 2.52 -5.40 32.20
CA ILE B 178 2.79 -4.10 31.63
C ILE B 178 4.27 -4.02 31.23
N SER B 179 5.16 -4.57 32.03
CA SER B 179 6.57 -4.64 31.68
C SER B 179 6.77 -5.39 30.34
N MET B 180 6.04 -6.49 30.15
CA MET B 180 6.13 -7.26 28.92
C MET B 180 5.59 -6.43 27.73
N ILE B 181 4.46 -5.74 27.93
CA ILE B 181 3.85 -4.94 26.86
C ILE B 181 4.82 -3.81 26.44
N ALA B 182 5.52 -3.18 27.39
CA ALA B 182 6.49 -2.13 27.06
C ALA B 182 7.58 -2.69 26.13
N LYS B 183 8.03 -3.94 26.38
CA LYS B 183 9.03 -4.56 25.52
C LYS B 183 8.48 -4.88 24.14
N LEU B 184 7.21 -5.31 24.10
CA LEU B 184 6.60 -5.68 22.85
C LEU B 184 6.41 -4.39 22.02
N TYR B 185 6.03 -3.27 22.66
CA TYR B 185 5.84 -2.00 21.95
C TYR B 185 7.18 -1.56 21.35
N LYS B 186 8.23 -1.61 22.17
CA LYS B 186 9.57 -1.21 21.72
C LYS B 186 10.01 -2.06 20.51
N LEU B 187 9.75 -3.37 20.56
CA LEU B 187 10.11 -4.29 19.46
C LEU B 187 9.33 -3.94 18.20
N TYR B 188 8.02 -3.71 18.35
CA TYR B 188 7.12 -3.32 17.28
C TYR B 188 7.68 -2.09 16.53
N MET B 189 8.06 -1.07 17.29
CA MET B 189 8.65 0.15 16.75
C MET B 189 10.02 -0.13 16.12
N ASP B 190 10.89 -0.87 16.82
CA ASP B 190 12.27 -1.05 16.42
CA ASP B 190 12.29 -1.05 16.40
C ASP B 190 12.33 -1.84 15.08
N LYS B 191 11.42 -2.81 14.88
CA LYS B 191 11.51 -3.68 13.70
C LYS B 191 10.57 -3.24 12.56
N ASP B 192 10.03 -2.02 12.66
CA ASP B 192 9.05 -1.51 11.65
C ASP B 192 7.91 -2.53 11.41
N MET B 193 7.38 -3.09 12.49
CA MET B 193 6.21 -3.94 12.39
C MET B 193 4.96 -3.12 12.05
N ASN B 194 3.95 -3.81 11.49
CA ASN B 194 2.64 -3.20 11.35
C ASN B 194 1.55 -4.06 12.04
N MET B 195 1.93 -5.24 12.53
CA MET B 195 0.98 -6.08 13.35
C MET B 195 1.80 -7.05 14.21
N LEU B 196 1.56 -7.01 15.52
CA LEU B 196 2.09 -8.02 16.46
C LEU B 196 0.89 -8.56 17.26
N GLU B 197 0.50 -9.82 16.98
CA GLU B 197 -0.71 -10.39 17.54
C GLU B 197 -0.36 -11.64 18.34
N ILE B 198 -0.74 -11.60 19.62
CA ILE B 198 -0.59 -12.71 20.54
C ILE B 198 -1.96 -13.22 21.00
N ASN B 199 -2.37 -14.37 20.42
CA ASN B 199 -3.68 -14.94 20.65
C ASN B 199 -3.52 -16.45 20.78
N PRO B 200 -3.42 -17.01 21.99
CA PRO B 200 -3.50 -16.28 23.25
C PRO B 200 -2.17 -15.99 23.93
N LEU B 201 -2.21 -14.94 24.72
CA LEU B 201 -1.28 -14.61 25.78
C LEU B 201 -1.73 -15.35 27.04
N ILE B 202 -0.86 -16.16 27.61
CA ILE B 202 -1.28 -17.01 28.74
C ILE B 202 -0.71 -16.41 30.03
N LYS B 203 -1.48 -16.60 31.11
CA LYS B 203 -0.96 -16.42 32.43
C LYS B 203 -0.84 -17.79 33.09
N THR B 204 0.34 -18.09 33.67
CA THR B 204 0.61 -19.38 34.24
C THR B 204 0.16 -19.38 35.69
N ALA B 205 0.06 -20.59 36.25
CA ALA B 205 -0.30 -20.74 37.66
C ALA B 205 0.78 -20.10 38.53
N GLU B 206 2.02 -20.06 38.05
CA GLU B 206 3.14 -19.46 38.79
C GLU B 206 3.15 -17.93 38.63
N GLY B 207 2.22 -17.34 37.86
CA GLY B 207 2.11 -15.87 37.72
C GLY B 207 2.93 -15.25 36.59
N ASP B 208 3.43 -16.05 35.62
CA ASP B 208 4.16 -15.54 34.45
C ASP B 208 3.22 -15.32 33.25
N PHE B 209 3.63 -14.40 32.36
CA PHE B 209 2.94 -14.17 31.09
C PHE B 209 3.83 -14.58 29.92
N TYR B 210 3.24 -15.35 29.01
CA TYR B 210 3.91 -15.79 27.83
C TYR B 210 2.99 -15.70 26.62
N ALA B 211 3.58 -15.56 25.44
CA ALA B 211 2.85 -15.70 24.23
C ALA B 211 2.76 -17.18 23.89
N LEU B 212 1.54 -17.73 23.86
CA LEU B 212 1.36 -19.12 23.44
C LEU B 212 1.42 -19.21 21.93
N ASP B 213 1.03 -18.13 21.24
CA ASP B 213 1.26 -18.02 19.80
C ASP B 213 1.75 -16.58 19.54
N ALA B 214 2.32 -16.35 18.37
CA ALA B 214 2.71 -14.99 17.97
C ALA B 214 2.73 -14.91 16.45
N LYS B 215 2.06 -13.87 15.91
CA LYS B 215 1.97 -13.48 14.49
C LYS B 215 2.50 -12.06 14.35
N CYS B 216 3.62 -11.92 13.65
CA CYS B 216 4.28 -10.68 13.42
C CYS B 216 4.29 -10.39 11.91
N SER B 217 3.86 -9.18 11.56
CA SER B 217 3.86 -8.70 10.21
C SER B 217 4.77 -7.47 10.16
N PHE B 218 5.64 -7.40 9.14
CA PHE B 218 6.64 -6.36 9.00
C PHE B 218 6.39 -5.51 7.75
N ASP B 219 6.61 -4.20 7.87
CA ASP B 219 6.50 -3.27 6.77
C ASP B 219 7.50 -3.68 5.67
N ASP B 220 6.98 -4.09 4.50
CA ASP B 220 7.82 -4.51 3.41
C ASP B 220 8.78 -3.39 3.00
N SER B 221 8.39 -2.12 3.18
CA SER B 221 9.21 -0.98 2.81
C SER B 221 10.43 -0.79 3.70
N ALA B 222 10.46 -1.44 4.87
CA ALA B 222 11.53 -1.24 5.84
C ALA B 222 12.45 -2.48 5.97
N LEU B 223 12.16 -3.52 5.21
CA LEU B 223 12.97 -4.75 5.31
C LEU B 223 14.44 -4.51 4.95
N TYR B 224 14.72 -3.52 4.10
CA TYR B 224 16.08 -3.18 3.71
C TYR B 224 16.91 -2.83 4.95
N ARG B 225 16.33 -2.27 6.01
CA ARG B 225 17.12 -1.93 7.19
C ARG B 225 16.95 -2.97 8.31
N HIS B 226 16.33 -4.13 8.02
CA HIS B 226 16.27 -5.20 9.04
C HIS B 226 16.65 -6.53 8.39
N PRO B 227 17.94 -6.69 7.99
CA PRO B 227 18.38 -7.91 7.30
C PRO B 227 18.09 -9.16 8.14
N GLU B 228 18.14 -9.05 9.47
CA GLU B 228 17.86 -10.18 10.38
C GLU B 228 16.36 -10.57 10.37
N ILE B 229 15.48 -9.68 9.89
CA ILE B 229 14.05 -10.01 9.70
C ILE B 229 13.85 -10.54 8.27
N ALA B 230 14.50 -9.90 7.29
CA ALA B 230 14.35 -10.27 5.88
C ALA B 230 14.77 -11.73 5.68
N GLU B 231 15.81 -12.16 6.38
CA GLU B 231 16.34 -13.56 6.23
C GLU B 231 15.33 -14.60 6.77
N LEU B 232 14.28 -14.18 7.50
CA LEU B 232 13.29 -15.09 8.06
C LEU B 232 12.27 -15.52 7.01
N ARG B 233 12.29 -14.88 5.83
CA ARG B 233 11.28 -15.11 4.86
C ARG B 233 11.12 -16.62 4.61
N ASP B 234 9.87 -17.06 4.47
CA ASP B 234 9.57 -18.43 4.08
C ASP B 234 8.81 -18.37 2.75
N THR B 235 9.52 -18.58 1.64
CA THR B 235 8.95 -18.44 0.30
C THR B 235 7.88 -19.52 0.03
N THR B 236 7.83 -20.61 0.80
CA THR B 236 6.76 -21.62 0.66
C THR B 236 5.43 -21.04 1.14
N GLU B 237 5.49 -19.94 1.91
CA GLU B 237 4.27 -19.32 2.46
C GLU B 237 3.75 -18.18 1.58
N GLU B 238 4.45 -17.87 0.50
CA GLU B 238 4.17 -16.69 -0.34
C GLU B 238 3.80 -17.19 -1.74
N ASN B 239 3.13 -16.34 -2.49
CA ASN B 239 2.68 -16.69 -3.79
C ASN B 239 3.84 -16.64 -4.79
N PRO B 240 4.19 -17.76 -5.48
CA PRO B 240 5.34 -17.78 -6.38
C PRO B 240 5.27 -16.74 -7.52
N ALA B 241 4.11 -16.61 -8.17
CA ALA B 241 3.95 -15.70 -9.30
C ALA B 241 4.07 -14.20 -8.88
N GLU B 242 3.50 -13.83 -7.74
CA GLU B 242 3.67 -12.46 -7.22
C GLU B 242 5.14 -12.16 -6.97
N ARG B 243 5.85 -13.11 -6.37
CA ARG B 243 7.23 -12.93 -6.03
C ARG B 243 8.06 -12.84 -7.32
N GLU B 244 7.73 -13.72 -8.27
CA GLU B 244 8.49 -13.74 -9.54
C GLU B 244 8.27 -12.39 -10.27
N ALA B 245 7.02 -11.95 -10.34
CA ALA B 245 6.70 -10.66 -10.98
C ALA B 245 7.52 -9.52 -10.35
N ALA B 246 7.56 -9.49 -9.02
CA ALA B 246 8.25 -8.41 -8.29
C ALA B 246 9.74 -8.45 -8.62
N GLU B 247 10.31 -9.63 -8.85
CA GLU B 247 11.73 -9.65 -9.25
C GLU B 247 11.91 -8.92 -10.58
N PHE B 248 10.89 -8.92 -11.46
CA PHE B 248 11.07 -8.24 -12.77
C PHE B 248 10.52 -6.81 -12.75
N GLY B 249 10.27 -6.25 -11.56
CA GLY B 249 9.74 -4.86 -11.47
C GLY B 249 8.23 -4.76 -11.76
N LEU B 250 7.48 -5.84 -11.64
CA LEU B 250 6.02 -5.89 -11.93
C LEU B 250 5.29 -6.07 -10.61
N SER B 251 4.10 -5.47 -10.43
CA SER B 251 3.21 -5.88 -9.32
C SER B 251 2.06 -6.66 -9.92
N TYR B 252 1.87 -7.89 -9.46
CA TYR B 252 0.86 -8.79 -10.00
C TYR B 252 0.05 -9.41 -8.86
N VAL B 253 -1.26 -9.56 -9.11
CA VAL B 253 -2.13 -10.29 -8.24
C VAL B 253 -3.04 -11.10 -9.16
N LYS B 254 -3.14 -12.41 -8.90
CA LYS B 254 -4.03 -13.27 -9.67
C LYS B 254 -5.47 -13.21 -9.13
N LEU B 255 -6.46 -13.05 -10.02
CA LEU B 255 -7.88 -13.22 -9.74
C LEU B 255 -8.42 -14.40 -10.59
N ASP B 256 -9.73 -14.62 -10.52
CA ASP B 256 -10.38 -15.60 -11.37
CA ASP B 256 -10.45 -15.61 -11.34
C ASP B 256 -11.25 -14.82 -12.37
N GLY B 257 -10.97 -14.98 -13.64
CA GLY B 257 -11.66 -14.18 -14.64
C GLY B 257 -11.18 -14.56 -16.01
N ASP B 258 -11.63 -13.79 -17.00
CA ASP B 258 -11.47 -14.16 -18.39
C ASP B 258 -10.77 -13.03 -19.18
N VAL B 259 -10.53 -11.87 -18.57
CA VAL B 259 -9.83 -10.80 -19.27
C VAL B 259 -8.58 -10.42 -18.48
N ALA B 260 -7.41 -10.73 -19.03
CA ALA B 260 -6.18 -10.31 -18.36
C ALA B 260 -5.96 -8.81 -18.57
N CYS B 261 -5.18 -8.18 -17.68
CA CYS B 261 -4.90 -6.81 -17.90
C CYS B 261 -3.42 -6.48 -17.67
N MET B 262 -2.93 -5.50 -18.42
CA MET B 262 -1.59 -4.98 -18.32
C MET B 262 -1.67 -3.45 -18.37
N VAL B 263 -1.30 -2.79 -17.27
CA VAL B 263 -1.59 -1.36 -17.09
C VAL B 263 -0.41 -0.68 -16.39
N ASN B 264 -0.21 0.62 -16.62
CA ASN B 264 0.79 1.33 -15.87
C ASN B 264 0.13 2.18 -14.76
N GLY B 265 0.54 1.92 -13.51
CA GLY B 265 0.09 2.65 -12.32
C GLY B 265 -1.05 1.89 -11.62
N ALA B 266 -0.94 1.77 -10.31
CA ALA B 266 -1.83 0.94 -9.51
C ALA B 266 -3.27 1.44 -9.60
N GLY B 267 -3.47 2.76 -9.56
CA GLY B 267 -4.77 3.32 -9.63
C GLY B 267 -5.45 2.98 -10.96
N LEU B 268 -4.71 3.21 -12.05
CA LEU B 268 -5.28 2.93 -13.37
C LEU B 268 -5.45 1.43 -13.56
N ALA B 269 -4.56 0.63 -12.98
CA ALA B 269 -4.70 -0.84 -13.08
C ALA B 269 -5.99 -1.30 -12.40
N MET B 270 -6.26 -0.81 -11.17
CA MET B 270 -7.54 -1.09 -10.44
C MET B 270 -8.73 -0.61 -11.30
N ALA B 271 -8.62 0.60 -11.85
CA ALA B 271 -9.71 1.16 -12.66
C ALA B 271 -9.98 0.30 -13.89
N THR B 272 -8.93 -0.30 -14.46
CA THR B 272 -9.02 -1.17 -15.62
C THR B 272 -9.75 -2.46 -15.24
N MET B 273 -9.40 -3.05 -14.10
CA MET B 273 -10.13 -4.19 -13.60
C MET B 273 -11.61 -3.81 -13.42
N ASP B 274 -11.86 -2.59 -12.93
CA ASP B 274 -13.21 -2.14 -12.63
C ASP B 274 -14.00 -1.98 -13.94
N ILE B 275 -13.42 -1.37 -14.98
CA ILE B 275 -14.14 -1.20 -16.23
C ILE B 275 -14.40 -2.54 -16.93
N ILE B 276 -13.55 -3.53 -16.75
CA ILE B 276 -13.79 -4.83 -17.35
C ILE B 276 -15.08 -5.38 -16.72
N ASN B 277 -15.19 -5.30 -15.37
CA ASN B 277 -16.38 -5.73 -14.62
C ASN B 277 -17.62 -4.95 -15.08
N TYR B 278 -17.47 -3.64 -15.21
CA TYR B 278 -18.58 -2.77 -15.66
C TYR B 278 -19.04 -3.17 -17.07
N SER B 279 -18.13 -3.70 -17.91
CA SER B 279 -18.43 -4.11 -19.29
C SER B 279 -19.02 -5.52 -19.33
N GLY B 280 -19.16 -6.19 -18.18
CA GLY B 280 -19.84 -7.48 -18.08
C GLY B 280 -18.88 -8.65 -18.25
N ALA B 281 -17.58 -8.43 -18.10
CA ALA B 281 -16.65 -9.57 -18.03
C ALA B 281 -15.98 -9.55 -16.64
N LYS B 282 -14.92 -10.32 -16.49
CA LYS B 282 -14.31 -10.51 -15.19
C LYS B 282 -12.81 -10.33 -15.32
N PRO B 283 -12.19 -9.42 -14.55
CA PRO B 283 -10.74 -9.30 -14.58
C PRO B 283 -10.01 -10.55 -14.04
N ALA B 284 -9.00 -11.01 -14.79
CA ALA B 284 -8.29 -12.19 -14.43
C ALA B 284 -7.11 -11.87 -13.50
N ASN B 285 -6.71 -10.60 -13.42
CA ASN B 285 -5.52 -10.21 -12.69
C ASN B 285 -5.46 -8.69 -12.54
N PHE B 286 -4.67 -8.27 -11.56
CA PHE B 286 -4.10 -6.94 -11.42
C PHE B 286 -2.66 -7.04 -11.93
N LEU B 287 -2.25 -6.11 -12.79
CA LEU B 287 -0.81 -6.00 -13.14
C LEU B 287 -0.48 -4.54 -13.41
N ASP B 288 0.50 -4.03 -12.67
CA ASP B 288 1.08 -2.75 -12.82
C ASP B 288 2.49 -2.94 -13.38
N VAL B 289 2.71 -2.42 -14.58
CA VAL B 289 4.01 -2.43 -15.24
C VAL B 289 4.29 -0.98 -15.64
N GLY B 290 5.53 -0.53 -15.46
CA GLY B 290 5.86 0.84 -15.86
C GLY B 290 5.71 1.03 -17.36
N GLY B 291 5.23 2.20 -17.78
CA GLY B 291 5.12 2.49 -19.19
C GLY B 291 6.50 2.51 -19.84
N GLY B 292 7.51 2.87 -19.07
CA GLY B 292 8.90 2.88 -19.48
C GLY B 292 9.59 1.53 -19.36
N ALA B 293 8.87 0.47 -18.97
CA ALA B 293 9.52 -0.85 -18.82
C ALA B 293 10.18 -1.25 -20.15
N SER B 294 11.27 -2.01 -20.04
CA SER B 294 11.95 -2.57 -21.21
C SER B 294 11.07 -3.62 -21.89
N PRO B 295 11.29 -3.93 -23.20
CA PRO B 295 10.55 -5.00 -23.88
C PRO B 295 10.75 -6.38 -23.22
N GLU B 296 11.88 -6.57 -22.53
CA GLU B 296 12.15 -7.78 -21.74
C GLU B 296 11.16 -7.89 -20.57
N THR B 297 11.02 -6.82 -19.78
CA THR B 297 10.05 -6.77 -18.71
C THR B 297 8.63 -7.01 -19.26
N VAL B 298 8.28 -6.37 -20.39
CA VAL B 298 6.95 -6.51 -20.97
C VAL B 298 6.72 -7.96 -21.39
N ALA B 299 7.78 -8.58 -21.92
CA ALA B 299 7.70 -9.97 -22.37
C ALA B 299 7.44 -10.91 -21.18
N LYS B 300 8.09 -10.64 -20.03
CA LYS B 300 7.87 -11.38 -18.79
C LYS B 300 6.43 -11.16 -18.30
N ALA B 301 5.93 -9.93 -18.39
CA ALA B 301 4.53 -9.65 -18.01
C ALA B 301 3.54 -10.48 -18.86
N PHE B 302 3.76 -10.53 -20.18
CA PHE B 302 2.95 -11.38 -21.07
C PHE B 302 3.00 -12.84 -20.59
N GLU B 303 4.23 -13.35 -20.34
CA GLU B 303 4.40 -14.74 -19.91
C GLU B 303 3.56 -15.01 -18.67
N ILE B 304 3.64 -14.11 -17.69
CA ILE B 304 2.96 -14.37 -16.41
C ILE B 304 1.45 -14.34 -16.60
N ILE B 305 0.93 -13.33 -17.30
CA ILE B 305 -0.52 -13.18 -17.55
CA ILE B 305 -0.52 -13.26 -17.39
C ILE B 305 -1.08 -14.41 -18.26
N LEU B 306 -0.31 -14.94 -19.21
CA LEU B 306 -0.84 -15.99 -20.14
C LEU B 306 -0.80 -17.39 -19.48
N ARG B 307 -0.26 -17.50 -18.25
CA ARG B 307 -0.27 -18.79 -17.55
C ARG B 307 -1.71 -19.25 -17.30
N ASP B 308 -2.63 -18.29 -17.15
CA ASP B 308 -3.97 -18.62 -16.85
C ASP B 308 -4.65 -18.92 -18.18
N LYS B 309 -4.93 -20.19 -18.42
CA LYS B 309 -5.51 -20.64 -19.69
C LYS B 309 -7.04 -20.43 -19.71
N ASN B 310 -7.63 -19.78 -18.70
CA ASN B 310 -9.01 -19.29 -18.77
C ASN B 310 -9.06 -17.90 -19.43
N VAL B 311 -7.92 -17.23 -19.61
CA VAL B 311 -7.96 -15.88 -20.16
C VAL B 311 -8.40 -15.91 -21.64
N LYS B 312 -9.34 -15.05 -22.03
CA LYS B 312 -9.88 -15.00 -23.39
CA LYS B 312 -9.86 -15.02 -23.40
C LYS B 312 -9.39 -13.76 -24.15
N VAL B 313 -8.95 -12.74 -23.41
CA VAL B 313 -8.54 -11.47 -24.03
C VAL B 313 -7.50 -10.83 -23.11
N ILE B 314 -6.53 -10.14 -23.71
CA ILE B 314 -5.63 -9.30 -22.91
C ILE B 314 -5.99 -7.84 -23.20
N PHE B 315 -6.20 -7.07 -22.14
CA PHE B 315 -6.47 -5.63 -22.23
C PHE B 315 -5.25 -4.88 -21.72
N ILE B 316 -4.50 -4.30 -22.65
CA ILE B 316 -3.37 -3.43 -22.33
C ILE B 316 -3.91 -2.00 -22.31
N ASN B 317 -3.75 -1.32 -21.17
CA ASN B 317 -4.28 -0.01 -20.97
C ASN B 317 -3.15 0.81 -20.38
N ILE B 318 -2.50 1.61 -21.22
CA ILE B 318 -1.31 2.30 -20.77
C ILE B 318 -1.43 3.76 -21.17
N PHE B 319 -1.17 4.63 -20.21
CA PHE B 319 -1.14 6.07 -20.43
C PHE B 319 0.33 6.50 -20.49
N GLY B 320 0.80 6.79 -21.71
CA GLY B 320 2.14 7.34 -21.90
C GLY B 320 2.14 8.85 -21.66
N GLY B 321 2.65 9.27 -20.51
CA GLY B 321 2.70 10.68 -20.18
C GLY B 321 4.09 11.23 -20.50
N ILE B 322 5.02 11.01 -19.57
CA ILE B 322 6.44 11.25 -19.78
C ILE B 322 6.97 10.26 -20.82
N VAL B 323 6.48 9.01 -20.83
CA VAL B 323 6.94 8.03 -21.81
C VAL B 323 6.04 8.13 -23.05
N ARG B 324 6.65 8.16 -24.22
CA ARG B 324 5.92 8.32 -25.51
C ARG B 324 5.25 7.00 -25.89
N CYS B 325 3.97 7.11 -26.27
CA CYS B 325 3.16 5.94 -26.57
C CYS B 325 3.74 5.17 -27.75
N ASP B 326 4.43 5.85 -28.68
CA ASP B 326 4.99 5.18 -29.88
C ASP B 326 6.12 4.26 -29.46
N ARG B 327 6.88 4.68 -28.46
CA ARG B 327 7.91 3.80 -27.97
CA ARG B 327 7.94 3.82 -27.88
C ARG B 327 7.28 2.63 -27.19
N ILE B 328 6.16 2.87 -26.50
CA ILE B 328 5.48 1.76 -25.80
C ILE B 328 4.98 0.73 -26.82
N ALA B 329 4.43 1.24 -27.94
CA ALA B 329 3.87 0.38 -28.99
C ALA B 329 4.96 -0.52 -29.59
N ASN B 330 6.11 0.08 -29.94
CA ASN B 330 7.31 -0.67 -30.43
C ASN B 330 7.75 -1.75 -29.42
N GLY B 331 7.80 -1.42 -28.12
CA GLY B 331 8.14 -2.40 -27.10
C GLY B 331 7.13 -3.54 -27.04
N ILE B 332 5.83 -3.25 -27.24
CA ILE B 332 4.79 -4.32 -27.22
C ILE B 332 5.00 -5.25 -28.43
N LEU B 333 5.28 -4.66 -29.59
CA LEU B 333 5.54 -5.46 -30.78
C LEU B 333 6.80 -6.32 -30.55
N GLU B 334 7.87 -5.75 -29.99
CA GLU B 334 9.11 -6.52 -29.71
CA GLU B 334 9.11 -6.49 -29.69
C GLU B 334 8.78 -7.65 -28.72
N ALA B 335 7.97 -7.36 -27.71
CA ALA B 335 7.69 -8.31 -26.66
C ALA B 335 6.81 -9.47 -27.13
N THR B 336 6.06 -9.32 -28.22
CA THR B 336 5.23 -10.35 -28.74
C THR B 336 5.96 -11.20 -29.79
N LYS B 337 7.22 -10.89 -30.10
CA LYS B 337 7.97 -11.71 -31.04
C LYS B 337 8.08 -13.19 -30.59
N ASN B 338 7.79 -14.10 -31.52
CA ASN B 338 7.96 -15.57 -31.37
C ASN B 338 6.94 -16.10 -30.36
N VAL B 339 5.94 -15.31 -30.00
CA VAL B 339 4.91 -15.80 -29.09
C VAL B 339 3.85 -16.50 -29.94
N GLU B 340 3.32 -17.59 -29.42
CA GLU B 340 2.29 -18.39 -30.09
C GLU B 340 1.03 -18.32 -29.22
N VAL B 341 0.10 -17.42 -29.55
CA VAL B 341 -1.08 -17.11 -28.73
C VAL B 341 -2.26 -16.87 -29.70
N ASN B 342 -3.42 -17.46 -29.39
CA ASN B 342 -4.61 -17.38 -30.20
C ASN B 342 -5.59 -16.35 -29.61
N ILE B 343 -5.27 -15.72 -28.48
CA ILE B 343 -6.25 -14.80 -27.94
C ILE B 343 -5.91 -13.39 -28.39
N PRO B 344 -6.93 -12.54 -28.62
CA PRO B 344 -6.70 -11.17 -29.06
C PRO B 344 -6.11 -10.28 -27.94
N ILE B 345 -5.34 -9.27 -28.35
CA ILE B 345 -4.80 -8.30 -27.46
C ILE B 345 -5.37 -6.93 -27.85
N VAL B 346 -6.16 -6.35 -26.96
CA VAL B 346 -6.67 -4.98 -27.16
C VAL B 346 -5.64 -4.05 -26.55
N VAL B 347 -5.17 -3.09 -27.32
CA VAL B 347 -4.13 -2.21 -26.82
C VAL B 347 -4.63 -0.79 -26.84
N ARG B 348 -4.87 -0.22 -25.66
CA ARG B 348 -5.32 1.11 -25.54
C ARG B 348 -4.16 1.94 -25.01
N LEU B 349 -3.57 2.76 -25.89
CA LEU B 349 -2.51 3.63 -25.54
C LEU B 349 -3.04 5.04 -25.68
N ASP B 350 -2.83 5.87 -24.65
CA ASP B 350 -3.25 7.26 -24.76
C ASP B 350 -2.22 8.16 -24.09
N GLY B 351 -2.26 9.46 -24.41
CA GLY B 351 -1.24 10.41 -23.98
C GLY B 351 -0.33 10.83 -25.11
N THR B 352 0.97 10.96 -24.80
CA THR B 352 1.98 11.47 -25.69
C THR B 352 2.08 10.56 -26.92
N ASN B 353 1.90 11.13 -28.12
CA ASN B 353 2.07 10.47 -29.41
C ASN B 353 1.14 9.26 -29.54
N ALA B 354 -0.05 9.38 -28.96
CA ALA B 354 -1.02 8.32 -28.97
C ALA B 354 -1.36 7.96 -30.43
N ALA B 355 -1.55 8.98 -31.28
CA ALA B 355 -2.00 8.73 -32.69
C ALA B 355 -0.92 7.93 -33.44
N GLU B 356 0.35 8.32 -33.28
CA GLU B 356 1.49 7.62 -33.90
C GLU B 356 1.54 6.16 -33.41
N ALA B 357 1.19 5.96 -32.14
CA ALA B 357 1.29 4.64 -31.54
C ALA B 357 0.26 3.73 -32.22
N LYS B 358 -0.97 4.24 -32.31
CA LYS B 358 -2.02 3.48 -32.96
C LYS B 358 -1.63 3.18 -34.42
N THR B 359 -0.99 4.14 -35.09
CA THR B 359 -0.55 3.93 -36.50
C THR B 359 0.45 2.77 -36.56
N ILE B 360 1.41 2.75 -35.64
CA ILE B 360 2.44 1.70 -35.59
C ILE B 360 1.77 0.33 -35.42
N LEU B 361 0.83 0.25 -34.48
CA LEU B 361 0.18 -1.06 -34.19
C LEU B 361 -0.66 -1.48 -35.42
N ASP B 362 -1.42 -0.55 -36.02
CA ASP B 362 -2.27 -0.88 -37.22
C ASP B 362 -1.38 -1.37 -38.40
N ASN B 363 -0.26 -0.69 -38.58
CA ASN B 363 0.67 -0.95 -39.68
C ASN B 363 1.42 -2.27 -39.54
N SER B 364 1.52 -2.83 -38.32
CA SER B 364 2.16 -4.15 -38.12
C SER B 364 1.41 -5.24 -38.89
N ASN B 365 0.11 -5.03 -39.13
CA ASN B 365 -0.79 -5.99 -39.76
C ASN B 365 -0.92 -7.31 -38.98
N LEU B 366 -0.61 -7.26 -37.68
CA LEU B 366 -0.89 -8.36 -36.80
C LEU B 366 -2.33 -8.17 -36.32
N LYS B 367 -3.25 -8.91 -36.94
CA LYS B 367 -4.67 -8.59 -36.83
C LYS B 367 -5.26 -8.98 -35.47
N ASN B 368 -4.55 -9.76 -34.64
CA ASN B 368 -5.10 -10.03 -33.33
C ASN B 368 -4.57 -9.02 -32.30
N ILE B 369 -3.78 -8.04 -32.72
CA ILE B 369 -3.55 -6.81 -31.95
C ILE B 369 -4.56 -5.76 -32.43
N LYS B 370 -5.40 -5.30 -31.50
CA LYS B 370 -6.45 -4.37 -31.78
C LYS B 370 -6.22 -3.09 -30.98
N ALA B 371 -5.79 -2.04 -31.68
CA ALA B 371 -5.45 -0.77 -31.10
C ALA B 371 -6.71 0.08 -30.90
N ALA B 372 -6.80 0.79 -29.77
CA ALA B 372 -7.85 1.75 -29.51
C ALA B 372 -7.18 2.96 -28.86
N THR B 373 -7.82 4.13 -28.89
CA THR B 373 -7.22 5.34 -28.20
C THR B 373 -8.05 5.76 -26.97
N ASN B 374 -9.38 5.67 -27.05
CA ASN B 374 -10.18 6.12 -25.89
C ASN B 374 -10.50 4.90 -24.98
N LEU B 375 -10.58 5.13 -23.65
CA LEU B 375 -10.78 4.05 -22.67
C LEU B 375 -12.15 3.36 -22.84
N LYS B 376 -13.18 4.15 -23.11
CA LYS B 376 -14.54 3.65 -23.28
C LYS B 376 -14.59 2.66 -24.45
N ASN B 377 -13.98 3.05 -25.57
CA ASN B 377 -13.92 2.25 -26.81
C ASN B 377 -13.10 0.99 -26.58
N GLY B 378 -11.94 1.13 -25.91
CA GLY B 378 -11.14 -0.01 -25.50
C GLY B 378 -11.99 -1.08 -24.81
N ALA B 379 -12.71 -0.65 -23.79
CA ALA B 379 -13.45 -1.55 -22.91
C ALA B 379 -14.59 -2.20 -23.70
N GLU B 380 -15.21 -1.43 -24.59
CA GLU B 380 -16.29 -1.97 -25.47
C GLU B 380 -15.72 -3.02 -26.43
N LEU B 381 -14.53 -2.75 -26.98
CA LEU B 381 -13.89 -3.75 -27.84
C LEU B 381 -13.56 -5.04 -27.07
N VAL B 382 -13.03 -4.93 -25.84
CA VAL B 382 -12.80 -6.10 -24.98
C VAL B 382 -14.12 -6.88 -24.82
N LYS B 383 -15.19 -6.14 -24.55
CA LYS B 383 -16.44 -6.77 -24.26
CA LYS B 383 -16.52 -6.68 -24.29
C LYS B 383 -16.94 -7.52 -25.51
N SER B 384 -16.81 -6.92 -26.69
CA SER B 384 -17.28 -7.60 -27.91
C SER B 384 -16.46 -8.88 -28.18
N LEU B 385 -15.19 -8.94 -27.77
CA LEU B 385 -14.33 -10.12 -28.06
C LEU B 385 -14.57 -11.23 -27.04
N VAL B 386 -15.04 -10.91 -25.84
CA VAL B 386 -15.59 -11.90 -24.95
C VAL B 386 -17.04 -12.09 -25.39
CL CL C . -0.86 5.18 -9.43
C1 CIT D . 4.32 8.23 -17.64
O1 CIT D . 4.58 7.79 -18.82
O2 CIT D . 4.20 9.45 -17.31
C2 CIT D . 4.15 7.21 -16.54
C3 CIT D . 5.13 6.07 -16.60
O7 CIT D . 5.00 5.41 -17.85
C4 CIT D . 6.58 6.56 -16.41
C5 CIT D . 7.63 5.45 -16.38
O3 CIT D . 8.83 5.80 -16.33
O4 CIT D . 7.35 4.25 -16.43
C6 CIT D . 4.75 5.09 -15.51
O5 CIT D . 4.22 4.04 -15.83
O6 CIT D . 4.99 5.39 -14.33
#